data_7QCN
#
_entry.id   7QCN
#
_cell.length_a   1.00
_cell.length_b   1.00
_cell.length_c   1.00
_cell.angle_alpha   90.00
_cell.angle_beta   90.00
_cell.angle_gamma   90.00
#
_symmetry.space_group_name_H-M   'P 1'
#
loop_
_entity.id
_entity.type
_entity.pdbx_description
1 polymer Mucin-2
2 branched alpha-D-mannopyranose-(1-3)-[alpha-D-mannopyranose-(1-6)]beta-D-mannopyranose-(1-4)-2-acetamido-2-deoxy-beta-D-glucopyranose-(1-4)-2-acetamido-2-deoxy-beta-D-glucopyranose
3 non-polymer 'CALCIUM ION'
4 non-polymer 2-acetamido-2-deoxy-beta-D-glucopyranose
#
_entity_poly.entity_id   1
_entity_poly.type   'polypeptide(L)'
_entity_poly.pdbx_seq_one_letter_code
;PPECPDTWWLCDCFMATCKYNNTVEIVKVECEPPPMPTCSNGLQPVRVEDPDGCCWHWECDCYCTGWGDPHYVTFDGLYY
SYQGNCTYVLVEEISPSVDNFGVYIDNYHCDPNDKVSCPRTLIVRHETQEVLIKTVHMMPMQVQVQAVALPYKKYGLEVY
QSGINYVVDIPELGVLVSYNGLSFSVRLPYHRFGNNTKGQCGTCTNTTSDDCILPSGEIVSNCEAAADQWLVNDPSKPHC
PDCTPSPLCQLIKDSLFAQCHALVPPQHYYDACVFDSCFMPGSSLECASLQAYAALCAQQNICLDWRNHTHGACLVECPS
HREYQACGPAEEPTCKSSSSQQNNTVLVEGCFCPEGTMNYAPGFDVCVKTCGCVGPDNVPREFGEHFEFDCKNCVCLEGG
SGIICQP
;
_entity_poly.pdbx_strand_id   A,B
#
loop_
_chem_comp.id
_chem_comp.type
_chem_comp.name
_chem_comp.formula
BMA D-saccharide, beta linking beta-D-mannopyranose 'C6 H12 O6'
CA non-polymer 'CALCIUM ION' 'Ca 2'
MAN D-saccharide, alpha linking alpha-D-mannopyranose 'C6 H12 O6'
NAG D-saccharide, beta linking 2-acetamido-2-deoxy-beta-D-glucopyranose 'C8 H15 N O6'
#
# COMPACT_ATOMS: atom_id res chain seq x y z
N PRO A 1 23.76 1.23 -43.65
CA PRO A 1 23.15 0.27 -44.57
C PRO A 1 21.87 0.81 -45.23
N PRO A 2 21.53 0.39 -46.47
CA PRO A 2 20.32 0.85 -47.15
C PRO A 2 19.12 0.46 -46.27
N GLU A 3 19.13 -0.75 -45.72
CA GLU A 3 18.07 -1.14 -44.77
C GLU A 3 18.70 -1.07 -43.38
N CYS A 4 18.12 -0.27 -42.47
CA CYS A 4 18.73 -0.08 -41.13
C CYS A 4 18.82 -1.44 -40.43
N PRO A 5 19.94 -1.80 -39.78
CA PRO A 5 20.05 -3.06 -39.03
C PRO A 5 19.22 -3.01 -37.75
N ASP A 6 18.11 -3.75 -37.69
CA ASP A 6 17.22 -3.70 -36.50
C ASP A 6 17.76 -4.61 -35.40
N THR A 7 10.64 2.13 -42.36
CA THR A 7 11.68 1.06 -42.29
C THR A 7 12.15 0.92 -40.83
N TRP A 8 11.72 1.84 -39.95
CA TRP A 8 12.16 1.82 -38.55
C TRP A 8 11.31 2.77 -37.73
N TRP A 9 10.62 2.25 -36.71
CA TRP A 9 9.92 3.10 -35.77
C TRP A 9 10.80 3.31 -34.55
N LEU A 10 11.29 4.55 -34.36
CA LEU A 10 12.27 4.80 -33.32
C LEU A 10 11.60 4.82 -31.95
N CYS A 11 10.71 5.79 -31.72
CA CYS A 11 10.07 5.98 -30.42
C CYS A 11 9.06 7.12 -30.58
N ASP A 12 8.18 7.24 -29.60
CA ASP A 12 7.33 8.41 -29.40
C ASP A 12 6.69 8.87 -30.72
N CYS A 13 6.20 7.90 -31.49
CA CYS A 13 5.51 8.16 -32.77
C CYS A 13 6.43 8.87 -33.77
N PHE A 14 7.70 8.47 -33.78
CA PHE A 14 8.63 8.94 -34.81
C PHE A 14 8.84 7.91 -35.91
N MET A 15 8.04 7.99 -36.97
CA MET A 15 8.32 7.20 -38.15
C MET A 15 9.67 7.58 -38.75
N ALA A 16 10.27 6.63 -39.45
CA ALA A 16 11.49 6.92 -40.19
C ALA A 16 11.64 5.93 -41.32
N THR A 17 12.00 6.44 -42.50
CA THR A 17 12.39 5.57 -43.63
C THR A 17 13.92 5.56 -43.49
N CYS A 18 14.61 4.51 -43.92
CA CYS A 18 16.08 4.47 -43.66
C CYS A 18 16.88 4.40 -44.97
N LYS A 19 17.86 5.28 -45.15
CA LYS A 19 18.75 5.26 -46.33
C LYS A 19 20.11 4.80 -45.82
N TYR A 20 20.46 5.19 -44.60
CA TYR A 20 21.75 4.76 -43.99
C TYR A 20 21.66 5.07 -42.50
N ASN A 21 22.53 4.47 -41.68
CA ASN A 21 22.55 4.86 -40.25
C ASN A 21 22.91 6.34 -40.19
N ASN A 22 23.82 6.77 -41.07
CA ASN A 22 24.27 8.17 -41.08
C ASN A 22 23.12 9.13 -41.40
N THR A 23 22.25 8.81 -42.37
CA THR A 23 21.18 9.76 -42.80
C THR A 23 19.82 9.06 -42.85
N VAL A 24 18.79 9.55 -42.13
CA VAL A 24 17.48 8.80 -42.12
C VAL A 24 16.32 9.59 -42.73
N GLU A 25 15.32 8.92 -43.35
CA GLU A 25 14.22 9.79 -43.75
C GLU A 25 13.15 9.73 -42.66
N ILE A 26 12.99 10.84 -41.92
CA ILE A 26 12.09 10.87 -40.77
C ILE A 26 10.86 11.69 -41.11
N VAL A 27 9.71 11.22 -40.63
CA VAL A 27 8.44 11.95 -40.75
C VAL A 27 7.71 11.91 -39.41
N LYS A 28 7.19 13.05 -38.97
CA LYS A 28 6.49 13.13 -37.70
C LYS A 28 4.98 13.03 -37.90
N VAL A 29 4.31 12.35 -36.96
CA VAL A 29 2.86 12.13 -37.03
C VAL A 29 2.23 12.58 -35.72
N GLU A 30 1.11 13.29 -35.83
CA GLU A 30 0.31 13.67 -34.69
C GLU A 30 -1.13 13.87 -35.17
N CYS A 31 -2.09 13.58 -34.30
CA CYS A 31 -3.48 13.72 -34.70
C CYS A 31 -4.37 13.83 -33.45
N GLU A 32 -5.50 14.53 -33.61
CA GLU A 32 -6.41 14.77 -32.45
C GLU A 32 -7.86 14.74 -32.93
N PRO A 33 -8.64 13.68 -32.64
CA PRO A 33 -10.01 13.58 -33.16
C PRO A 33 -10.94 14.67 -32.61
N PRO A 34 -11.85 15.22 -33.42
CA PRO A 34 -12.83 16.20 -32.94
C PRO A 34 -13.73 15.48 -31.92
N PRO A 35 -14.16 16.14 -30.83
CA PRO A 35 -14.96 15.47 -29.81
C PRO A 35 -16.28 14.97 -30.40
N MET A 36 -16.73 13.80 -29.94
CA MET A 36 -18.05 13.29 -30.40
C MET A 36 -18.90 13.22 -29.15
N PRO A 37 -19.47 14.35 -28.67
CA PRO A 37 -20.23 14.38 -27.42
C PRO A 37 -21.43 13.46 -27.58
N THR A 38 -21.92 13.33 -28.81
CA THR A 38 -23.08 12.45 -29.06
C THR A 38 -22.72 11.05 -28.60
N CYS A 39 -23.62 10.39 -27.86
CA CYS A 39 -23.46 8.98 -27.46
C CYS A 39 -24.90 8.60 -27.15
N SER A 40 -25.35 7.43 -27.58
CA SER A 40 -26.79 7.08 -27.46
C SER A 40 -27.31 7.42 -26.06
N ASN A 41 -26.63 6.96 -25.01
CA ASN A 41 -27.05 7.24 -23.62
C ASN A 41 -27.39 8.72 -23.45
N GLY A 42 -26.71 9.60 -24.18
CA GLY A 42 -26.89 11.06 -24.00
C GLY A 42 -25.79 11.49 -23.07
N LEU A 43 -25.27 10.51 -22.32
CA LEU A 43 -24.13 10.74 -21.40
C LEU A 43 -22.91 11.19 -22.22
N GLN A 44 -21.94 11.84 -21.58
CA GLN A 44 -20.75 12.40 -22.25
C GLN A 44 -19.81 11.27 -22.67
N PRO A 45 -18.91 11.48 -23.66
CA PRO A 45 -18.01 10.43 -24.18
C PRO A 45 -16.57 10.55 -23.66
N VAL A 46 -15.89 9.43 -23.44
CA VAL A 46 -14.62 9.57 -22.74
C VAL A 46 -13.46 9.21 -23.66
N ARG A 47 -12.27 9.45 -23.13
CA ARG A 47 -11.02 9.41 -23.89
C ARG A 47 -10.33 8.06 -23.74
N VAL A 48 -10.09 7.40 -24.87
CA VAL A 48 -9.55 6.05 -24.92
C VAL A 48 -8.24 6.07 -25.70
N GLU A 49 -7.19 5.52 -25.12
CA GLU A 49 -5.88 5.53 -25.75
C GLU A 49 -5.79 4.45 -26.84
N ASP A 50 -5.11 4.78 -27.95
CA ASP A 50 -4.74 3.78 -28.93
C ASP A 50 -3.65 2.87 -28.38
N PRO A 51 -3.41 1.72 -29.03
CA PRO A 51 -2.30 0.85 -28.60
C PRO A 51 -0.96 1.56 -28.58
N ASP A 52 -0.72 2.50 -29.50
CA ASP A 52 0.47 3.33 -29.45
C ASP A 52 0.15 4.70 -28.86
N GLY A 53 1.20 5.48 -28.60
CA GLY A 53 1.07 6.80 -28.04
C GLY A 53 0.89 7.92 -29.05
N CYS A 54 0.60 7.58 -30.31
CA CYS A 54 0.47 8.61 -31.34
C CYS A 54 -0.74 9.52 -31.09
N CYS A 55 -1.91 8.92 -30.87
CA CYS A 55 -3.15 9.69 -30.69
C CYS A 55 -4.07 8.91 -29.76
N TRP A 56 -5.35 9.29 -29.77
CA TRP A 56 -6.37 8.72 -28.93
C TRP A 56 -7.68 8.73 -29.73
N HIS A 57 -8.77 8.34 -29.09
CA HIS A 57 -10.07 8.45 -29.72
C HIS A 57 -11.14 8.57 -28.64
N TRP A 58 -12.39 8.70 -29.07
CA TRP A 58 -13.53 8.83 -28.18
C TRP A 58 -14.31 7.53 -28.11
N GLU A 59 -14.42 6.98 -26.91
CA GLU A 59 -15.38 5.93 -26.62
C GLU A 59 -16.16 6.20 -25.35
N CYS A 60 -17.41 5.76 -25.31
CA CYS A 60 -18.27 6.05 -24.17
C CYS A 60 -18.71 4.76 -23.48
N ASP A 61 -18.86 4.86 -22.17
CA ASP A 61 -19.07 3.73 -21.27
C ASP A 61 -20.43 3.08 -21.49
N CYS A 62 -20.56 1.86 -20.97
CA CYS A 62 -21.81 1.13 -21.01
C CYS A 62 -22.48 1.26 -19.64
N TYR A 63 -23.62 1.94 -19.59
CA TYR A 63 -24.30 2.24 -18.34
C TYR A 63 -25.71 1.68 -18.37
N CYS A 64 -26.03 0.80 -17.43
CA CYS A 64 -27.36 0.22 -17.27
C CYS A 64 -27.90 0.59 -15.90
N THR A 65 -29.15 1.05 -15.85
CA THR A 65 -29.74 1.51 -14.61
C THR A 65 -31.10 0.85 -14.40
N GLY A 66 -31.40 0.55 -13.14
CA GLY A 66 -32.72 0.09 -12.78
C GLY A 66 -33.23 0.81 -11.56
N TRP A 67 -34.36 1.50 -11.67
CA TRP A 67 -34.92 2.24 -10.56
C TRP A 67 -36.42 1.93 -10.44
N GLY A 68 -36.97 2.34 -9.31
CA GLY A 68 -38.30 1.90 -8.96
C GLY A 68 -38.27 0.40 -8.75
N ASP A 69 -39.45 -0.18 -8.78
CA ASP A 69 -39.50 -1.64 -8.84
C ASP A 69 -39.33 -2.10 -10.29
N PRO A 70 -40.13 -1.61 -11.26
CA PRO A 70 -40.03 -2.17 -12.61
C PRO A 70 -39.18 -1.39 -13.60
N HIS A 71 -38.73 -0.18 -13.25
CA HIS A 71 -38.17 0.72 -14.27
C HIS A 71 -36.76 0.32 -14.64
N TYR A 72 -36.52 0.11 -15.94
CA TYR A 72 -35.21 -0.26 -16.48
C TYR A 72 -34.83 0.70 -17.60
N VAL A 73 -33.55 1.07 -17.64
CA VAL A 73 -32.96 1.68 -18.82
C VAL A 73 -31.67 0.91 -19.15
N THR A 74 -31.54 0.50 -20.40
CA THR A 74 -30.50 -0.43 -20.82
C THR A 74 -29.19 0.32 -21.08
N PHE A 75 -28.23 -0.37 -21.69
CA PHE A 75 -26.91 0.20 -21.93
C PHE A 75 -26.95 1.34 -22.94
N ASP A 76 -27.98 1.45 -23.74
CA ASP A 76 -27.99 2.50 -24.81
C ASP A 76 -28.99 3.61 -24.50
N GLY A 77 -29.87 3.43 -23.51
CA GLY A 77 -30.77 4.51 -23.09
C GLY A 77 -32.19 4.19 -23.46
N LEU A 78 -32.46 2.92 -23.76
CA LEU A 78 -33.82 2.49 -24.02
C LEU A 78 -34.52 2.15 -22.70
N TYR A 79 -35.68 2.74 -22.49
CA TYR A 79 -36.42 2.65 -21.23
C TYR A 79 -37.60 1.71 -21.38
N TYR A 80 -37.82 0.88 -20.36
CA TYR A 80 -39.02 0.04 -20.31
C TYR A 80 -39.34 -0.27 -18.86
N SER A 81 -40.48 -0.96 -18.66
CA SER A 81 -40.94 -1.33 -17.34
C SER A 81 -41.38 -2.79 -17.37
N TYR A 82 -40.90 -3.56 -16.40
CA TYR A 82 -41.22 -4.99 -16.34
C TYR A 82 -41.38 -5.42 -14.90
N GLN A 83 -42.39 -6.23 -14.58
CA GLN A 83 -42.51 -6.74 -13.19
C GLN A 83 -42.15 -8.22 -13.17
N GLY A 84 -41.14 -8.61 -12.38
CA GLY A 84 -40.68 -10.02 -12.41
C GLY A 84 -40.43 -10.61 -11.04
N ASN A 85 -40.53 -11.95 -10.93
CA ASN A 85 -40.40 -12.60 -9.59
C ASN A 85 -39.12 -13.43 -9.45
N CYS A 86 -38.76 -14.25 -10.43
CA CYS A 86 -37.60 -15.17 -10.26
C CYS A 86 -36.26 -14.47 -10.56
N THR A 87 -35.15 -15.12 -10.21
CA THR A 87 -33.81 -14.50 -10.44
C THR A 87 -33.60 -14.30 -11.94
N TYR A 88 -33.09 -13.14 -12.35
CA TYR A 88 -32.97 -12.82 -13.80
C TYR A 88 -31.53 -12.42 -14.10
N VAL A 89 -31.05 -12.72 -15.32
CA VAL A 89 -29.65 -12.38 -15.70
C VAL A 89 -29.58 -10.94 -16.19
N LEU A 90 -29.13 -10.02 -15.35
CA LEU A 90 -28.95 -8.63 -15.78
C LEU A 90 -27.90 -8.56 -16.89
N VAL A 91 -26.67 -9.01 -16.61
CA VAL A 91 -25.60 -8.96 -17.61
C VAL A 91 -24.81 -10.26 -17.55
N GLU A 92 -24.46 -10.77 -18.74
CA GLU A 92 -23.65 -11.97 -18.93
C GLU A 92 -22.72 -11.70 -20.12
N GLU A 93 -22.11 -12.77 -20.64
CA GLU A 93 -21.19 -12.64 -21.77
C GLU A 93 -21.64 -13.53 -22.92
N ILE A 94 -21.56 -13.00 -24.13
CA ILE A 94 -21.89 -13.80 -25.32
C ILE A 94 -20.77 -14.78 -25.64
N SER A 95 -19.55 -14.26 -25.78
CA SER A 95 -18.39 -15.11 -25.99
C SER A 95 -17.64 -15.19 -24.67
N PRO A 96 -17.61 -16.35 -24.01
CA PRO A 96 -17.01 -16.43 -22.66
C PRO A 96 -15.54 -16.07 -22.63
N SER A 97 -15.22 -14.97 -21.93
CA SER A 97 -13.83 -14.58 -21.69
C SER A 97 -13.43 -14.63 -20.23
N VAL A 98 -14.39 -14.65 -19.30
CA VAL A 98 -14.12 -14.72 -17.88
C VAL A 98 -14.93 -15.88 -17.29
N ASP A 99 -14.31 -16.61 -16.37
CA ASP A 99 -14.96 -17.78 -15.79
C ASP A 99 -16.10 -17.35 -14.87
N ASN A 100 -17.30 -17.82 -15.19
CA ASN A 100 -18.47 -17.66 -14.33
C ASN A 100 -18.72 -16.19 -13.99
N PHE A 101 -18.64 -15.34 -15.00
CA PHE A 101 -18.90 -13.91 -14.84
C PHE A 101 -20.36 -13.61 -15.09
N GLY A 102 -20.98 -12.86 -14.18
CA GLY A 102 -22.36 -12.47 -14.35
C GLY A 102 -22.90 -11.57 -13.25
N VAL A 103 -23.86 -10.72 -13.60
CA VAL A 103 -24.59 -9.93 -12.61
C VAL A 103 -26.07 -10.25 -12.76
N TYR A 104 -26.70 -10.62 -11.64
CA TYR A 104 -28.05 -11.16 -11.59
C TYR A 104 -28.87 -10.37 -10.60
N ILE A 105 -30.19 -10.34 -10.81
CA ILE A 105 -31.07 -9.70 -9.79
C ILE A 105 -31.90 -10.84 -9.20
N ASP A 106 -32.37 -10.71 -7.96
CA ASP A 106 -33.15 -11.79 -7.28
C ASP A 106 -34.38 -11.16 -6.63
N ASN A 107 -35.39 -10.79 -7.43
CA ASN A 107 -36.55 -10.05 -6.85
C ASN A 107 -37.36 -10.85 -5.83
N TYR A 108 -37.73 -12.09 -6.10
CA TYR A 108 -38.63 -12.83 -5.16
C TYR A 108 -38.11 -14.23 -4.86
N HIS A 109 -37.00 -14.63 -5.49
CA HIS A 109 -36.52 -16.03 -5.34
C HIS A 109 -36.16 -16.29 -3.88
N CYS A 110 -35.99 -15.24 -3.09
CA CYS A 110 -35.61 -15.37 -1.67
C CYS A 110 -36.66 -16.20 -0.91
N ASP A 111 -37.96 -16.03 -1.19
CA ASP A 111 -39.00 -16.75 -0.41
C ASP A 111 -40.02 -17.44 -1.33
N PRO A 112 -40.73 -18.54 -0.96
CA PRO A 112 -41.75 -19.11 -1.86
C PRO A 112 -42.86 -18.07 -2.11
N ASN A 113 -43.28 -17.35 -1.07
CA ASN A 113 -44.28 -16.25 -1.23
C ASN A 113 -43.53 -14.98 -1.66
N ASP A 114 -44.26 -13.92 -2.00
CA ASP A 114 -43.57 -12.64 -2.33
C ASP A 114 -42.70 -12.27 -1.13
N LYS A 115 -41.42 -11.93 -1.37
CA LYS A 115 -40.52 -11.65 -0.23
C LYS A 115 -40.41 -10.14 -0.01
N VAL A 116 -40.81 -9.65 1.16
CA VAL A 116 -40.62 -8.20 1.49
C VAL A 116 -39.36 -8.11 2.34
N SER A 117 -39.03 -9.18 3.05
CA SER A 117 -37.78 -9.21 3.86
C SER A 117 -36.60 -9.10 2.90
N CYS A 118 -36.67 -9.77 1.75
CA CYS A 118 -35.61 -9.60 0.73
C CYS A 118 -36.23 -8.86 -0.45
N PRO A 119 -36.13 -7.52 -0.54
CA PRO A 119 -36.63 -6.77 -1.70
C PRO A 119 -35.80 -7.16 -2.94
N ARG A 120 -34.48 -7.24 -2.77
CA ARG A 120 -33.61 -7.65 -3.90
C ARG A 120 -32.30 -8.22 -3.36
N THR A 121 -31.63 -9.06 -4.15
CA THR A 121 -30.30 -9.59 -3.76
C THR A 121 -29.44 -9.48 -5.00
N LEU A 122 -28.52 -8.52 -5.05
CA LEU A 122 -27.74 -8.30 -6.29
C LEU A 122 -26.61 -9.29 -6.32
N ILE A 123 -26.83 -10.33 -7.10
CA ILE A 123 -25.86 -11.41 -7.11
C ILE A 123 -24.79 -11.10 -8.15
N VAL A 124 -23.55 -10.96 -7.69
CA VAL A 124 -22.41 -10.73 -8.56
C VAL A 124 -21.53 -11.97 -8.48
N ARG A 125 -21.43 -12.71 -9.59
CA ARG A 125 -20.67 -13.95 -9.63
C ARG A 125 -19.44 -13.73 -10.50
N HIS A 126 -18.26 -14.01 -9.95
CA HIS A 126 -17.00 -13.81 -10.64
C HIS A 126 -16.04 -14.90 -10.22
N GLU A 127 -15.66 -15.75 -11.17
CA GLU A 127 -14.73 -16.86 -10.93
C GLU A 127 -15.19 -17.73 -9.77
N THR A 128 -14.38 -17.78 -8.71
CA THR A 128 -14.72 -18.59 -7.55
C THR A 128 -15.79 -17.95 -6.67
N GLN A 129 -15.86 -16.63 -6.64
CA GLN A 129 -16.66 -15.93 -5.66
C GLN A 129 -18.05 -15.58 -6.21
N GLU A 130 -19.01 -15.46 -5.29
CA GLU A 130 -20.29 -14.85 -5.57
C GLU A 130 -20.69 -14.01 -4.35
N VAL A 131 -21.23 -12.83 -4.63
CA VAL A 131 -21.63 -11.88 -3.58
C VAL A 131 -23.11 -11.61 -3.73
N LEU A 132 -23.86 -11.85 -2.65
CA LEU A 132 -25.28 -11.56 -2.59
C LEU A 132 -25.51 -10.40 -1.62
N ILE A 133 -25.85 -9.22 -2.13
CA ILE A 133 -25.98 -8.08 -1.19
C ILE A 133 -27.45 -7.99 -0.77
N LYS A 134 -27.86 -8.79 0.22
CA LYS A 134 -29.28 -8.81 0.64
C LYS A 134 -29.63 -7.48 1.28
N THR A 135 -30.91 -7.11 1.33
CA THR A 135 -31.26 -5.88 2.07
C THR A 135 -32.22 -6.21 3.21
N VAL A 136 -31.75 -6.16 4.45
CA VAL A 136 -32.69 -6.30 5.60
C VAL A 136 -33.32 -4.91 5.76
N HIS A 137 -34.49 -4.80 6.39
CA HIS A 137 -35.17 -3.47 6.43
C HIS A 137 -34.27 -2.42 7.10
N MET A 138 -33.62 -2.77 8.22
CA MET A 138 -32.81 -1.78 8.96
C MET A 138 -31.62 -1.28 8.11
N MET A 139 -30.92 -2.19 7.42
CA MET A 139 -29.71 -1.79 6.63
C MET A 139 -29.25 -3.00 5.80
N PRO A 140 -28.69 -2.87 4.57
CA PRO A 140 -28.32 -4.07 3.81
C PRO A 140 -27.30 -4.94 4.52
N MET A 141 -27.34 -6.22 4.17
CA MET A 141 -26.40 -7.25 4.61
C MET A 141 -25.91 -8.02 3.39
N GLN A 142 -24.62 -8.37 3.40
CA GLN A 142 -23.98 -9.02 2.27
C GLN A 142 -23.40 -10.38 2.67
N VAL A 143 -23.56 -11.34 1.78
CA VAL A 143 -23.12 -12.72 1.98
C VAL A 143 -22.19 -13.09 0.83
N GLN A 144 -20.95 -13.45 1.16
CA GLN A 144 -19.94 -13.84 0.17
C GLN A 144 -19.67 -15.32 0.32
N VAL A 145 -20.04 -16.10 -0.70
CA VAL A 145 -19.92 -17.56 -0.71
C VAL A 145 -20.60 -18.16 0.52
N GLN A 146 -21.64 -17.10 3.27
CA GLN A 146 -21.22 -16.77 4.63
C GLN A 146 -20.98 -15.26 4.74
N ALA A 147 -21.42 -14.67 5.85
CA ALA A 147 -21.40 -13.22 6.00
C ALA A 147 -19.98 -12.69 6.08
N VAL A 148 -19.83 -11.41 5.75
CA VAL A 148 -18.53 -10.73 5.70
C VAL A 148 -18.69 -9.32 6.26
N ALA A 149 -17.56 -8.64 6.42
CA ALA A 149 -17.56 -7.25 6.79
C ALA A 149 -17.63 -6.36 5.55
N LEU A 150 -17.94 -5.08 5.75
CA LEU A 150 -18.13 -4.18 4.61
C LEU A 150 -16.84 -3.95 3.82
N PRO A 151 -15.72 -3.51 4.43
CA PRO A 151 -14.52 -3.28 3.61
C PRO A 151 -13.85 -4.58 3.19
N TYR A 152 -14.36 -5.21 2.13
CA TYR A 152 -13.90 -6.52 1.71
C TYR A 152 -13.15 -6.40 0.40
N LYS A 153 -12.08 -7.17 0.24
CA LYS A 153 -11.29 -7.16 -0.99
C LYS A 153 -10.54 -8.48 -1.07
N LYS A 154 -10.88 -9.31 -2.05
CA LYS A 154 -10.38 -10.68 -2.10
C LYS A 154 -10.29 -11.12 -3.56
N TYR A 155 -9.11 -11.62 -3.95
CA TYR A 155 -8.88 -12.16 -5.29
C TYR A 155 -9.22 -11.13 -6.37
N GLY A 156 -9.03 -9.85 -6.06
CA GLY A 156 -9.30 -8.79 -6.99
C GLY A 156 -10.74 -8.36 -7.11
N LEU A 157 -11.62 -8.83 -6.22
CA LEU A 157 -13.00 -8.38 -6.15
C LEU A 157 -13.16 -7.54 -4.89
N GLU A 158 -13.65 -6.32 -5.03
CA GLU A 158 -13.70 -5.38 -3.92
C GLU A 158 -15.12 -4.92 -3.66
N VAL A 159 -15.56 -5.01 -2.40
CA VAL A 159 -16.86 -4.52 -1.95
C VAL A 159 -16.62 -3.50 -0.86
N TYR A 160 -17.29 -2.35 -0.98
CA TYR A 160 -17.19 -1.28 0.02
C TYR A 160 -18.43 -0.41 -0.07
N GLN A 161 -18.38 0.74 0.58
CA GLN A 161 -19.47 1.71 0.58
C GLN A 161 -19.02 3.03 -0.01
N SER A 162 -19.95 3.75 -0.61
CA SER A 162 -19.69 5.09 -1.13
C SER A 162 -20.99 5.88 -1.02
N GLY A 163 -21.00 6.89 -0.15
CA GLY A 163 -22.22 7.65 0.07
C GLY A 163 -23.29 6.76 0.67
N ILE A 164 -24.41 6.62 -0.05
CA ILE A 164 -25.51 5.75 0.36
C ILE A 164 -25.57 4.50 -0.53
N ASN A 165 -24.48 4.18 -1.23
CA ASN A 165 -24.45 3.08 -2.16
C ASN A 165 -23.44 2.03 -1.70
N TYR A 166 -23.74 0.77 -2.01
CA TYR A 166 -22.84 -0.34 -1.79
C TYR A 166 -22.23 -0.73 -3.14
N VAL A 167 -20.90 -0.73 -3.21
CA VAL A 167 -20.16 -0.82 -4.46
C VAL A 167 -19.39 -2.13 -4.49
N VAL A 168 -19.62 -2.91 -5.54
CA VAL A 168 -18.83 -4.09 -5.87
C VAL A 168 -18.13 -3.80 -7.19
N ASP A 169 -16.81 -3.89 -7.20
CA ASP A 169 -16.03 -3.57 -8.38
C ASP A 169 -14.97 -4.63 -8.64
N ILE A 170 -14.64 -4.76 -9.92
CA ILE A 170 -13.48 -5.55 -10.34
C ILE A 170 -12.55 -4.62 -11.09
N PRO A 171 -11.43 -4.22 -10.48
CA PRO A 171 -10.48 -3.33 -11.16
C PRO A 171 -9.83 -3.95 -12.38
N GLU A 172 -9.68 -5.27 -12.43
CA GLU A 172 -9.09 -5.91 -13.60
C GLU A 172 -9.94 -5.65 -14.84
N LEU A 173 -11.24 -5.92 -14.72
CA LEU A 173 -12.15 -5.76 -15.84
C LEU A 173 -12.73 -4.34 -15.89
N GLY A 174 -12.67 -3.61 -14.78
CA GLY A 174 -13.20 -2.26 -14.72
C GLY A 174 -14.68 -2.21 -14.38
N VAL A 175 -15.20 -3.30 -13.81
CA VAL A 175 -16.63 -3.42 -13.59
C VAL A 175 -17.07 -2.62 -12.38
N LEU A 176 -18.15 -1.86 -12.55
CA LEU A 176 -18.82 -1.13 -11.47
C LEU A 176 -20.21 -1.71 -11.27
N VAL A 177 -20.53 -2.11 -10.05
CA VAL A 177 -21.90 -2.48 -9.68
C VAL A 177 -22.24 -1.71 -8.41
N SER A 178 -23.34 -0.97 -8.43
CA SER A 178 -23.78 -0.17 -7.30
C SER A 178 -25.20 -0.55 -6.94
N TYR A 179 -25.43 -0.78 -5.65
CA TYR A 179 -26.74 -1.14 -5.11
C TYR A 179 -27.11 -0.06 -4.10
N ASN A 180 -28.37 0.39 -4.13
CA ASN A 180 -28.85 1.44 -3.24
C ASN A 180 -29.91 0.98 -2.24
N GLY A 181 -30.72 -0.01 -2.60
CA GLY A 181 -31.92 -0.36 -1.87
C GLY A 181 -33.19 0.05 -2.57
N LEU A 182 -33.11 1.06 -3.45
CA LEU A 182 -34.20 1.45 -4.32
C LEU A 182 -33.83 1.37 -5.79
N SER A 183 -32.59 1.04 -6.11
CA SER A 183 -32.11 1.05 -7.49
C SER A 183 -30.79 0.29 -7.57
N PHE A 184 -30.33 0.11 -8.81
CA PHE A 184 -29.05 -0.53 -9.08
C PHE A 184 -28.46 0.06 -10.36
N SER A 185 -27.13 0.01 -10.45
CA SER A 185 -26.43 0.51 -11.63
C SER A 185 -25.27 -0.40 -11.97
N VAL A 186 -25.09 -0.66 -13.26
CA VAL A 186 -23.98 -1.45 -13.78
C VAL A 186 -23.24 -0.60 -14.80
N ARG A 187 -21.91 -0.53 -14.67
CA ARG A 187 -21.10 0.40 -15.45
C ARG A 187 -19.86 -0.34 -15.94
N LEU A 188 -19.71 -0.42 -17.26
CA LEU A 188 -18.71 -1.24 -17.92
C LEU A 188 -17.91 -0.43 -18.94
N PRO A 189 -16.66 -0.81 -19.18
CA PRO A 189 -15.91 -0.21 -20.29
C PRO A 189 -16.33 -0.84 -21.62
N TYR A 190 -15.90 -0.17 -22.71
CA TYR A 190 -16.31 -0.57 -24.05
C TYR A 190 -15.38 -1.59 -24.68
N HIS A 191 -14.06 -1.39 -24.61
CA HIS A 191 -13.13 -2.35 -25.20
C HIS A 191 -13.21 -3.69 -24.48
N ARG A 192 -13.29 -3.68 -23.15
CA ARG A 192 -13.50 -4.90 -22.38
C ARG A 192 -14.84 -5.55 -22.68
N PHE A 193 -15.91 -4.77 -22.68
CA PHE A 193 -17.25 -5.28 -22.92
C PHE A 193 -17.94 -4.44 -23.99
N GLY A 194 -17.73 -4.82 -25.24
CA GLY A 194 -18.38 -4.16 -26.36
C GLY A 194 -18.85 -5.17 -27.39
N ASN A 195 -20.16 -5.16 -27.68
CA ASN A 195 -20.78 -6.15 -28.55
C ASN A 195 -20.49 -7.56 -28.03
N ASN A 196 -20.48 -7.70 -26.69
CA ASN A 196 -20.15 -8.97 -26.06
C ASN A 196 -21.02 -9.24 -24.83
N THR A 197 -22.16 -8.57 -24.69
CA THR A 197 -22.99 -8.68 -23.51
C THR A 197 -24.41 -9.04 -23.88
N LYS A 198 -25.13 -9.60 -22.92
CA LYS A 198 -26.52 -10.00 -23.12
C LYS A 198 -27.23 -10.01 -21.76
N GLY A 199 -28.56 -9.96 -21.81
CA GLY A 199 -29.39 -9.96 -20.64
C GLY A 199 -30.47 -8.91 -20.75
N GLN A 200 -31.01 -8.50 -19.61
CA GLN A 200 -32.03 -7.45 -19.58
C GLN A 200 -31.43 -6.05 -19.75
N CYS A 201 -30.12 -5.90 -19.61
CA CYS A 201 -29.46 -4.63 -19.85
C CYS A 201 -29.08 -4.43 -21.31
N GLY A 202 -29.33 -5.41 -22.15
CA GLY A 202 -29.10 -5.26 -23.58
C GLY A 202 -27.64 -5.36 -23.97
N THR A 203 -27.40 -5.05 -25.24
CA THR A 203 -26.07 -5.06 -25.82
C THR A 203 -25.55 -3.62 -25.92
N CYS A 204 -24.28 -3.45 -25.57
CA CYS A 204 -23.63 -2.14 -25.63
C CYS A 204 -23.00 -1.97 -27.01
N THR A 205 -23.85 -1.57 -27.97
CA THR A 205 -23.45 -1.50 -29.37
C THR A 205 -23.85 -0.19 -30.02
N ASN A 206 -23.97 0.86 -29.18
CA ASN A 206 -24.28 2.27 -29.58
C ASN A 206 -25.64 2.38 -30.29
N THR A 207 -26.05 1.36 -31.04
CA THR A 207 -27.44 1.34 -31.57
C THR A 207 -28.41 0.94 -30.45
N THR A 208 -29.67 1.32 -30.55
CA THR A 208 -30.69 0.96 -29.53
C THR A 208 -31.61 -0.14 -30.08
N SER A 209 -31.58 -0.37 -31.40
CA SER A 209 -32.38 -1.42 -32.04
C SER A 209 -32.12 -2.78 -31.40
N ASP A 210 -30.85 -3.11 -31.17
CA ASP A 210 -30.47 -4.40 -30.60
C ASP A 210 -30.23 -4.29 -29.10
N ASP A 211 -31.31 -4.05 -28.35
CA ASP A 211 -31.23 -3.93 -26.90
C ASP A 211 -32.05 -4.98 -26.15
N CYS A 212 -32.95 -5.68 -26.83
CA CYS A 212 -33.58 -6.89 -26.28
C CYS A 212 -33.36 -8.05 -27.24
N ILE A 213 -32.42 -8.92 -26.88
CA ILE A 213 -32.15 -10.16 -27.61
C ILE A 213 -32.63 -11.32 -26.75
N LEU A 214 -33.18 -12.33 -27.42
CA LEU A 214 -33.64 -13.53 -26.76
C LEU A 214 -32.46 -14.42 -26.40
N PRO A 215 -32.66 -15.33 -25.43
CA PRO A 215 -31.60 -16.30 -25.13
C PRO A 215 -31.11 -17.06 -26.36
N SER A 216 -32.01 -17.38 -27.29
CA SER A 216 -31.59 -17.98 -28.55
C SER A 216 -30.76 -17.00 -29.37
N GLY A 217 -31.13 -15.72 -29.38
CA GLY A 217 -30.36 -14.73 -30.09
C GLY A 217 -31.10 -14.05 -31.23
N GLU A 218 -32.41 -13.88 -31.11
CA GLU A 218 -33.22 -13.24 -32.11
C GLU A 218 -33.53 -11.80 -31.70
N ILE A 219 -34.05 -11.03 -32.67
CA ILE A 219 -34.40 -9.63 -32.45
C ILE A 219 -35.92 -9.51 -32.43
N VAL A 220 -36.45 -8.85 -31.41
CA VAL A 220 -37.88 -8.60 -31.29
C VAL A 220 -38.11 -7.12 -31.03
N SER A 221 -39.21 -6.59 -31.56
CA SER A 221 -39.51 -5.17 -31.38
C SER A 221 -39.99 -4.88 -29.96
N ASN A 222 -40.82 -5.76 -29.40
CA ASN A 222 -41.38 -5.57 -28.06
C ASN A 222 -40.29 -5.90 -27.04
N CYS A 223 -39.50 -4.88 -26.70
CA CYS A 223 -38.37 -5.06 -25.80
C CYS A 223 -38.84 -5.41 -24.39
N GLU A 224 -40.11 -5.13 -24.07
CA GLU A 224 -40.65 -5.51 -22.77
C GLU A 224 -40.78 -7.02 -22.62
N ALA A 225 -41.03 -7.73 -23.72
CA ALA A 225 -41.30 -9.17 -23.64
C ALA A 225 -40.03 -10.02 -23.60
N ALA A 226 -38.94 -9.56 -24.21
CA ALA A 226 -37.71 -10.36 -24.22
C ALA A 226 -37.10 -10.47 -22.83
N ALA A 227 -37.14 -9.39 -22.04
CA ALA A 227 -36.58 -9.43 -20.70
C ALA A 227 -37.30 -10.44 -19.81
N ASP A 228 -38.56 -10.74 -20.11
CA ASP A 228 -39.28 -11.77 -19.37
C ASP A 228 -38.64 -13.14 -19.55
N GLN A 229 -38.02 -13.39 -20.71
CA GLN A 229 -37.49 -14.70 -21.03
C GLN A 229 -36.02 -14.86 -20.60
N TRP A 230 -35.45 -13.83 -19.98
CA TRP A 230 -34.08 -13.93 -19.45
C TRP A 230 -34.12 -14.42 -18.00
N LEU A 231 -34.76 -15.58 -17.82
CA LEU A 231 -34.98 -16.16 -16.50
C LEU A 231 -33.92 -17.21 -16.20
N VAL A 232 -33.40 -17.18 -14.97
CA VAL A 232 -32.38 -18.13 -14.52
C VAL A 232 -33.03 -19.10 -13.54
N ASN A 233 -32.80 -20.40 -13.77
CA ASN A 233 -33.32 -21.45 -12.92
C ASN A 233 -32.18 -22.04 -12.08
N ASP A 234 -32.45 -22.21 -10.79
CA ASP A 234 -31.45 -22.71 -9.85
C ASP A 234 -32.05 -23.85 -9.03
N PRO A 235 -31.23 -24.81 -8.60
CA PRO A 235 -31.76 -25.91 -7.78
C PRO A 235 -32.43 -25.44 -6.49
N SER A 236 -31.96 -24.32 -5.93
CA SER A 236 -32.66 -23.73 -4.76
C SER A 236 -34.02 -23.17 -5.22
N LYS A 237 -35.11 -23.56 -4.57
CA LYS A 237 -36.47 -23.05 -4.92
C LYS A 237 -36.71 -23.24 -6.41
N PRO A 238 -36.60 -24.46 -6.98
CA PRO A 238 -36.68 -24.65 -8.43
C PRO A 238 -38.10 -24.65 -9.02
N HIS A 239 -39.06 -24.02 -8.33
CA HIS A 239 -40.39 -23.97 -8.94
C HIS A 239 -40.47 -22.97 -10.10
N CYS A 240 -39.52 -22.04 -10.20
CA CYS A 240 -39.52 -21.10 -11.31
C CYS A 240 -39.19 -21.84 -12.62
N PRO A 241 -39.79 -21.45 -13.75
CA PRO A 241 -39.52 -22.10 -15.04
C PRO A 241 -38.14 -21.75 -15.59
N ASP A 242 -58.25 12.16 -13.47
CA ASP A 242 -58.16 11.24 -12.35
C ASP A 242 -56.89 11.46 -11.54
N CYS A 243 -55.75 11.21 -12.18
CA CYS A 243 -54.46 11.35 -11.50
C CYS A 243 -54.06 12.81 -11.42
N THR A 244 -53.72 13.25 -10.21
CA THR A 244 -53.23 14.61 -10.01
C THR A 244 -51.71 14.57 -9.90
N PRO A 245 -50.98 15.15 -10.86
CA PRO A 245 -49.52 15.16 -10.76
C PRO A 245 -49.03 15.95 -9.56
N SER A 246 -48.44 15.25 -8.59
CA SER A 246 -47.92 15.91 -7.41
C SER A 246 -46.76 16.83 -7.79
N PRO A 247 -46.59 17.97 -7.11
CA PRO A 247 -45.46 18.83 -7.42
C PRO A 247 -44.11 18.16 -7.21
N LEU A 248 -44.06 17.12 -6.37
CA LEU A 248 -42.82 16.41 -6.13
C LEU A 248 -42.23 15.83 -7.41
N CYS A 249 -43.09 15.39 -8.33
CA CYS A 249 -42.64 15.05 -9.67
C CYS A 249 -42.34 16.29 -10.49
N GLN A 250 -43.06 17.39 -10.24
CA GLN A 250 -42.88 18.61 -11.01
C GLN A 250 -41.57 19.30 -10.73
N LEU A 251 -40.85 18.92 -9.67
CA LEU A 251 -39.51 19.48 -9.47
C LEU A 251 -38.57 19.19 -10.63
N ILE A 252 -38.84 18.15 -11.43
CA ILE A 252 -37.96 17.80 -12.53
C ILE A 252 -37.86 18.95 -13.53
N LYS A 253 -39.00 19.56 -13.86
CA LYS A 253 -39.04 20.67 -14.81
C LYS A 253 -38.66 22.01 -14.18
N ASP A 254 -38.50 22.07 -12.86
CA ASP A 254 -38.29 23.33 -12.18
C ASP A 254 -36.86 23.85 -12.37
N SER A 255 -36.64 25.08 -11.91
CA SER A 255 -35.33 25.72 -12.07
C SER A 255 -34.24 25.02 -11.27
N LEU A 256 -34.56 24.25 -10.23
CA LEU A 256 -33.45 23.69 -9.37
C LEU A 256 -32.61 22.63 -10.10
N PHE A 257 -33.25 21.70 -10.81
CA PHE A 257 -32.50 20.60 -11.49
C PHE A 257 -32.15 21.09 -12.89
N ALA A 258 -32.48 22.34 -13.20
CA ALA A 258 -32.26 22.89 -14.55
C ALA A 258 -30.77 22.94 -14.88
N GLN A 259 -29.91 22.70 -13.90
CA GLN A 259 -28.46 22.61 -14.19
C GLN A 259 -28.23 21.32 -14.97
N CYS A 260 -28.89 20.23 -14.57
CA CYS A 260 -28.66 18.89 -15.16
C CYS A 260 -29.33 18.65 -16.50
N HIS A 261 -30.25 19.51 -16.93
CA HIS A 261 -31.01 19.17 -18.15
C HIS A 261 -30.03 18.94 -19.30
N ALA A 262 -29.01 19.78 -19.44
CA ALA A 262 -28.08 19.63 -20.59
C ALA A 262 -27.24 18.36 -20.48
N LEU A 263 -26.63 18.10 -19.33
CA LEU A 263 -25.72 16.92 -19.21
C LEU A 263 -26.45 15.57 -19.21
N VAL A 264 -27.58 15.46 -18.49
CA VAL A 264 -28.33 14.16 -18.39
C VAL A 264 -29.79 14.42 -18.79
N PRO A 265 -30.35 13.72 -19.79
CA PRO A 265 -31.73 13.94 -20.23
C PRO A 265 -32.78 13.47 -19.21
N PRO A 266 -33.93 14.16 -19.07
CA PRO A 266 -34.93 13.79 -18.08
C PRO A 266 -36.32 13.22 -18.44
N GLN A 267 -36.63 12.94 -19.72
CA GLN A 267 -37.99 12.52 -20.02
C GLN A 267 -38.34 11.20 -19.33
N HIS A 268 -37.41 10.24 -19.35
CA HIS A 268 -37.69 8.92 -18.77
C HIS A 268 -38.00 9.02 -17.29
N TYR A 269 -37.18 9.77 -16.55
CA TYR A 269 -37.39 9.90 -15.11
C TYR A 269 -38.69 10.63 -14.80
N TYR A 270 -39.02 11.66 -15.58
CA TYR A 270 -40.27 12.40 -15.36
C TYR A 270 -41.47 11.49 -15.59
N ASP A 271 -41.46 10.73 -16.69
CA ASP A 271 -42.58 9.83 -16.97
C ASP A 271 -42.69 8.74 -15.92
N ALA A 272 -41.55 8.20 -15.46
CA ALA A 272 -41.58 7.20 -14.40
C ALA A 272 -42.14 7.78 -13.11
N CYS A 273 -41.77 9.03 -12.78
CA CYS A 273 -42.31 9.68 -11.60
C CYS A 273 -43.82 9.84 -11.69
N VAL A 274 -44.30 10.29 -12.85
CA VAL A 274 -45.75 10.48 -13.03
C VAL A 274 -46.47 9.14 -12.91
N PHE A 275 -45.92 8.10 -13.54
CA PHE A 275 -46.56 6.79 -13.46
C PHE A 275 -46.60 6.26 -12.04
N ASP A 276 -45.50 6.41 -11.30
CA ASP A 276 -45.47 5.96 -9.91
C ASP A 276 -46.46 6.74 -9.05
N SER A 277 -46.57 8.06 -9.29
CA SER A 277 -47.55 8.85 -8.56
C SER A 277 -48.97 8.40 -8.87
N CYS A 278 -49.22 8.06 -10.14
CA CYS A 278 -50.56 7.62 -10.53
C CYS A 278 -50.87 6.19 -10.11
N PHE A 279 -49.86 5.41 -9.72
CA PHE A 279 -50.11 4.03 -9.32
C PHE A 279 -50.97 3.97 -8.07
N MET A 280 -50.52 4.62 -7.00
CA MET A 280 -51.34 4.93 -5.83
C MET A 280 -50.83 6.22 -5.19
N PRO A 281 -51.67 7.25 -5.12
CA PRO A 281 -51.22 8.53 -4.56
C PRO A 281 -50.97 8.45 -3.06
N GLY A 282 -50.13 9.36 -2.59
CA GLY A 282 -49.84 9.46 -1.16
C GLY A 282 -49.12 8.26 -0.59
N SER A 283 -48.13 7.73 -1.31
CA SER A 283 -47.36 6.59 -0.84
C SER A 283 -45.85 6.85 -0.88
N SER A 284 -45.43 8.08 -1.19
CA SER A 284 -44.01 8.44 -1.30
C SER A 284 -43.29 7.53 -2.30
N LEU A 285 -44.00 7.17 -3.38
CA LEU A 285 -43.45 6.30 -4.41
C LEU A 285 -42.79 7.08 -5.54
N GLU A 286 -42.79 8.40 -5.50
CA GLU A 286 -42.30 9.22 -6.59
C GLU A 286 -41.03 9.99 -6.26
N CYS A 287 -40.38 9.71 -5.11
CA CYS A 287 -39.10 10.33 -4.82
C CYS A 287 -37.94 9.34 -4.95
N ALA A 288 -38.13 8.27 -5.72
CA ALA A 288 -37.05 7.39 -6.13
C ALA A 288 -36.51 7.76 -7.50
N SER A 289 -37.39 8.13 -8.43
CA SER A 289 -36.95 8.67 -9.71
C SER A 289 -36.16 9.96 -9.52
N LEU A 290 -36.61 10.81 -8.60
CA LEU A 290 -35.85 12.02 -8.26
C LEU A 290 -34.48 11.66 -7.71
N GLN A 291 -34.42 10.65 -6.83
CA GLN A 291 -33.15 10.25 -6.24
C GLN A 291 -32.18 9.78 -7.32
N ALA A 292 -32.64 8.95 -8.25
CA ALA A 292 -31.75 8.44 -9.29
C ALA A 292 -31.36 9.53 -10.27
N TYR A 293 -32.29 10.42 -10.61
CA TYR A 293 -31.95 11.53 -11.51
C TYR A 293 -30.89 12.42 -10.90
N ALA A 294 -31.05 12.75 -9.62
CA ALA A 294 -30.04 13.57 -8.92
C ALA A 294 -28.73 12.82 -8.78
N ALA A 295 -28.78 11.50 -8.55
CA ALA A 295 -27.55 10.72 -8.45
C ALA A 295 -26.78 10.72 -9.76
N LEU A 296 -27.38 10.67 -10.94
CA LEU A 296 -26.56 10.62 -12.19
C LEU A 296 -25.91 11.99 -12.43
N CYS A 297 -26.62 13.06 -12.07
CA CYS A 297 -26.11 14.43 -12.30
C CYS A 297 -24.81 14.57 -11.51
N ALA A 298 -24.77 13.96 -10.32
CA ALA A 298 -23.57 14.07 -9.45
C ALA A 298 -22.43 13.18 -9.94
N GLN A 299 -22.70 12.21 -10.82
CA GLN A 299 -21.57 11.45 -11.42
C GLN A 299 -20.79 12.46 -12.25
N GLN A 300 -21.50 13.32 -12.98
CA GLN A 300 -20.82 14.45 -13.67
C GLN A 300 -20.59 15.47 -12.56
N ASN A 301 -19.78 16.49 -12.73
CA ASN A 301 -19.54 17.36 -11.56
C ASN A 301 -20.67 18.38 -11.39
N ILE A 302 -21.91 17.92 -11.13
CA ILE A 302 -23.04 18.85 -10.85
C ILE A 302 -23.82 18.34 -9.63
N CYS A 303 -23.25 18.42 -8.43
CA CYS A 303 -23.91 17.97 -7.17
C CYS A 303 -25.04 18.93 -6.80
N LEU A 304 -26.18 18.43 -6.29
CA LEU A 304 -27.33 19.33 -6.01
C LEU A 304 -27.98 19.08 -4.65
N ASP A 305 -28.81 20.03 -4.18
CA ASP A 305 -29.56 19.86 -2.94
C ASP A 305 -31.03 20.04 -3.27
N TRP A 306 -31.74 18.92 -3.39
CA TRP A 306 -33.14 18.91 -3.81
C TRP A 306 -34.08 18.43 -2.72
N ARG A 307 -33.60 17.71 -1.70
CA ARG A 307 -34.48 17.07 -0.74
C ARG A 307 -35.04 18.09 0.24
N ASN A 308 -34.30 19.19 0.49
CA ASN A 308 -34.82 20.30 1.28
C ASN A 308 -36.11 20.86 0.69
N HIS A 309 -36.27 20.78 -0.63
CA HIS A 309 -37.45 21.29 -1.31
C HIS A 309 -38.60 20.30 -1.36
N THR A 310 -38.43 19.11 -0.80
CA THR A 310 -39.46 18.07 -0.91
C THR A 310 -40.53 18.16 0.17
N HIS A 311 -40.41 19.10 1.11
CA HIS A 311 -41.29 19.16 2.29
C HIS A 311 -41.27 17.82 3.03
N GLY A 312 -40.11 17.16 3.02
CA GLY A 312 -39.98 15.92 3.75
C GLY A 312 -40.54 14.73 2.97
N ALA A 313 -41.08 13.77 3.73
CA ALA A 313 -41.76 12.57 3.26
C ALA A 313 -40.79 11.52 2.70
N CYS A 314 -39.51 11.89 2.54
CA CYS A 314 -38.45 10.90 2.36
C CYS A 314 -37.10 11.61 2.53
N LEU A 315 -36.35 11.22 3.57
CA LEU A 315 -35.02 11.75 3.82
C LEU A 315 -34.11 10.61 4.25
N VAL A 316 -32.95 10.97 4.78
CA VAL A 316 -31.94 10.01 5.20
C VAL A 316 -32.16 9.66 6.67
N GLU A 317 -31.89 8.40 7.02
CA GLU A 317 -32.01 7.92 8.39
C GLU A 317 -30.70 7.23 8.78
N CYS A 318 -29.80 8.00 9.37
CA CYS A 318 -28.52 7.51 9.86
C CYS A 318 -28.26 8.16 11.22
N PRO A 319 -27.39 7.55 12.05
CA PRO A 319 -27.38 7.91 13.48
C PRO A 319 -26.95 9.34 13.79
N SER A 320 -26.93 9.64 15.09
CA SER A 320 -26.67 11.01 15.59
C SER A 320 -25.15 11.31 15.60
N HIS A 321 -24.32 10.32 15.30
CA HIS A 321 -22.86 10.57 15.27
C HIS A 321 -22.46 11.17 13.91
N ARG A 322 -23.43 11.38 13.01
CA ARG A 322 -23.11 11.92 11.67
C ARG A 322 -24.16 12.96 11.27
N GLU A 323 -24.15 13.40 10.01
CA GLU A 323 -25.03 14.49 9.54
C GLU A 323 -25.18 14.42 8.02
N TYR A 324 -26.42 14.48 7.50
CA TYR A 324 -26.63 14.43 6.04
C TYR A 324 -25.93 15.61 5.38
N GLN A 325 -24.99 15.32 4.48
CA GLN A 325 -24.31 16.38 3.71
C GLN A 325 -24.49 16.07 2.22
N ALA A 326 -25.24 16.92 1.52
CA ALA A 326 -25.67 16.63 0.14
C ALA A 326 -24.45 16.43 -0.77
N CYS A 327 -23.28 16.91 -0.37
CA CYS A 327 -22.06 16.64 -1.16
C CYS A 327 -20.88 16.47 -0.21
N GLY A 328 -20.23 15.31 -0.24
CA GLY A 328 -19.14 15.03 0.71
C GLY A 328 -18.15 14.11 0.04
N PRO A 329 -16.97 13.84 0.62
CA PRO A 329 -15.98 13.06 -0.11
C PRO A 329 -16.46 11.65 -0.43
N ALA A 330 -16.22 11.15 -1.65
CA ALA A 330 -16.66 9.75 -1.88
C ALA A 330 -15.99 8.83 -0.85
N GLU A 331 -14.66 8.83 -0.77
CA GLU A 331 -13.92 8.01 0.25
C GLU A 331 -13.68 8.88 1.49
N GLU A 332 -14.59 8.85 2.47
CA GLU A 332 -14.48 9.75 3.64
C GLU A 332 -13.04 9.80 4.08
N PRO A 333 -12.45 10.96 4.45
CA PRO A 333 -11.07 10.89 4.96
C PRO A 333 -11.01 10.28 6.35
N THR A 334 -10.12 9.31 6.51
CA THR A 334 -9.82 8.70 7.79
C THR A 334 -8.33 8.89 8.09
N CYS A 335 -8.02 8.84 9.38
CA CYS A 335 -6.64 9.14 9.85
C CYS A 335 -5.71 7.93 9.95
N LYS A 336 -6.21 6.71 10.07
CA LYS A 336 -5.25 5.58 10.14
C LYS A 336 -4.39 5.61 8.88
N SER A 337 -5.03 5.69 7.72
CA SER A 337 -4.28 5.67 6.43
C SER A 337 -4.78 6.79 5.51
N SER A 338 -4.34 8.03 5.74
CA SER A 338 -4.72 9.12 4.80
C SER A 338 -4.13 8.78 3.42
N SER A 339 -2.88 8.30 3.37
CA SER A 339 -2.25 7.86 2.11
C SER A 339 -2.25 8.95 1.02
N SER A 340 -2.05 10.22 1.40
CA SER A 340 -1.95 11.34 0.43
C SER A 340 -3.33 11.78 -0.08
N GLN A 341 -4.40 11.11 0.36
CA GLN A 341 -5.78 11.52 0.00
C GLN A 341 -5.95 11.75 -1.51
N GLN A 342 -5.56 10.78 -2.37
CA GLN A 342 -5.83 10.91 -3.82
C GLN A 342 -7.21 11.55 -3.98
N ASN A 343 -7.30 12.68 -4.70
CA ASN A 343 -8.59 13.42 -4.70
C ASN A 343 -9.44 12.89 -5.86
N ASN A 344 -10.64 12.40 -5.56
CA ASN A 344 -11.50 11.79 -6.63
C ASN A 344 -12.39 12.94 -7.06
N THR A 345 -12.52 13.96 -6.21
CA THR A 345 -13.34 15.15 -6.60
C THR A 345 -14.92 15.02 -6.87
N VAL A 346 -15.16 13.88 -7.55
CA VAL A 346 -16.55 13.41 -7.80
C VAL A 346 -16.98 13.46 -6.34
N LEU A 347 -18.19 13.98 -6.10
CA LEU A 347 -18.69 14.16 -4.72
C LEU A 347 -19.97 13.34 -4.54
N VAL A 348 -20.09 12.64 -3.41
CA VAL A 348 -21.21 11.71 -3.18
C VAL A 348 -22.02 12.20 -2.00
N GLU A 349 -23.28 11.78 -1.91
CA GLU A 349 -24.19 12.33 -0.90
C GLU A 349 -24.69 11.33 0.13
N GLY A 350 -24.65 11.73 1.39
CA GLY A 350 -25.23 10.91 2.46
C GLY A 350 -25.10 11.67 3.75
N CYS A 351 -24.44 11.10 4.73
CA CYS A 351 -24.12 11.65 6.03
C CYS A 351 -22.72 11.22 6.46
N PHE A 352 -21.94 12.21 6.89
CA PHE A 352 -20.54 12.01 7.29
C PHE A 352 -20.36 12.56 8.69
N CYS A 353 -19.16 12.33 9.23
CA CYS A 353 -18.80 12.89 10.52
C CYS A 353 -18.83 14.41 10.44
N PRO A 354 -19.11 15.09 11.54
CA PRO A 354 -19.28 16.55 11.49
C PRO A 354 -18.01 17.27 11.10
N GLU A 355 -18.21 18.51 10.65
CA GLU A 355 -17.15 19.49 10.43
C GLU A 355 -16.07 19.43 11.51
N GLY A 356 -16.44 19.27 12.78
CA GLY A 356 -15.45 19.24 13.83
C GLY A 356 -14.57 18.01 13.88
N THR A 357 -15.16 16.84 13.72
CA THR A 357 -14.48 15.57 13.90
C THR A 357 -14.18 14.92 12.54
N MET A 358 -13.74 13.67 12.59
CA MET A 358 -13.33 12.92 11.42
C MET A 358 -13.25 11.44 11.78
N ASN A 359 -13.51 10.57 10.79
CA ASN A 359 -13.55 9.14 11.02
C ASN A 359 -12.17 8.60 11.38
N TYR A 360 -12.17 7.47 12.11
CA TYR A 360 -10.93 6.88 12.61
C TYR A 360 -10.24 6.04 11.55
N ALA A 361 -10.90 4.98 11.08
CA ALA A 361 -10.29 4.05 10.14
C ALA A 361 -11.39 3.33 9.39
N PRO A 362 -11.09 2.76 8.21
CA PRO A 362 -12.10 1.94 7.52
C PRO A 362 -12.52 0.75 8.36
N GLY A 363 -13.80 0.42 8.28
CA GLY A 363 -14.38 -0.60 9.13
C GLY A 363 -14.80 -0.11 10.50
N PHE A 364 -14.59 1.16 10.80
CA PHE A 364 -14.97 1.76 12.07
C PHE A 364 -15.92 2.92 11.81
N ASP A 365 -16.77 3.20 12.81
CA ASP A 365 -17.82 4.19 12.67
C ASP A 365 -17.52 5.35 13.60
N VAL A 366 -16.54 5.23 14.49
CA VAL A 366 -16.25 6.31 15.44
C VAL A 366 -15.68 7.59 14.86
N CYS A 367 -16.31 8.71 15.17
CA CYS A 367 -15.83 10.02 14.74
C CYS A 367 -15.05 10.61 15.91
N VAL A 368 -13.78 10.94 15.66
CA VAL A 368 -12.88 11.44 16.70
C VAL A 368 -12.23 12.72 16.22
N LYS A 369 -11.96 13.62 17.17
CA LYS A 369 -11.28 14.88 16.83
C LYS A 369 -9.81 14.63 16.50
N THR A 370 -9.05 14.12 17.47
CA THR A 370 -7.66 13.71 17.27
C THR A 370 -7.56 12.24 17.60
N CYS A 371 -7.30 11.42 16.59
CA CYS A 371 -7.39 9.98 16.71
C CYS A 371 -6.18 9.39 17.40
N GLY A 372 -6.42 8.52 18.37
CA GLY A 372 -5.38 7.73 19.00
C GLY A 372 -5.59 6.25 18.74
N CYS A 373 -6.11 5.54 19.74
CA CYS A 373 -6.42 4.13 19.61
C CYS A 373 -7.94 3.93 19.70
N VAL A 374 -8.43 2.93 18.97
CA VAL A 374 -9.83 2.50 19.06
C VAL A 374 -9.84 0.99 19.23
N GLY A 375 -10.41 0.52 20.34
CA GLY A 375 -10.49 -0.90 20.61
C GLY A 375 -11.77 -1.52 20.10
N PRO A 376 -11.94 -2.82 20.33
CA PRO A 376 -13.20 -3.47 19.92
C PRO A 376 -14.43 -2.89 20.58
N ASP A 377 -14.32 -2.46 21.84
CA ASP A 377 -15.39 -1.71 22.50
C ASP A 377 -15.19 -0.22 22.19
N ASN A 378 -15.76 0.19 21.06
CA ASN A 378 -15.45 1.46 20.44
C ASN A 378 -15.53 2.64 21.41
N VAL A 379 -14.36 3.19 21.74
CA VAL A 379 -14.21 4.38 22.58
C VAL A 379 -12.95 5.10 22.11
N PRO A 380 -12.99 6.42 21.95
CA PRO A 380 -11.75 7.15 21.63
C PRO A 380 -10.72 7.00 22.75
N ARG A 381 -9.46 6.84 22.37
CA ARG A 381 -8.37 6.74 23.31
C ARG A 381 -7.24 7.67 22.89
N GLU A 382 -6.52 8.20 23.86
CA GLU A 382 -5.38 9.06 23.60
C GLU A 382 -4.08 8.26 23.65
N PHE A 383 -3.07 8.78 22.97
CA PHE A 383 -1.74 8.18 22.99
C PHE A 383 -1.15 8.33 24.39
N GLY A 384 -0.63 7.23 24.93
CA GLY A 384 -0.09 7.23 26.28
C GLY A 384 -1.11 7.18 27.38
N GLU A 385 -2.26 6.52 27.14
CA GLU A 385 -3.28 6.32 28.21
C GLU A 385 -3.24 4.86 28.64
N HIS A 386 -3.30 4.59 29.95
CA HIS A 386 -3.31 3.20 30.47
C HIS A 386 -4.74 2.81 30.84
N PHE A 387 -5.32 1.82 30.15
CA PHE A 387 -6.70 1.35 30.40
C PHE A 387 -6.68 0.06 31.23
N GLU A 388 -7.78 -0.68 31.28
CA GLU A 388 -7.81 -2.01 31.95
C GLU A 388 -8.79 -2.92 31.21
N PHE A 389 -8.49 -3.30 29.97
CA PHE A 389 -9.39 -4.16 29.15
C PHE A 389 -9.38 -5.60 29.67
N ASP A 390 -10.53 -6.27 29.69
CA ASP A 390 -10.61 -7.67 30.18
C ASP A 390 -10.14 -7.68 31.63
N CYS A 391 -9.17 -8.53 31.96
CA CYS A 391 -8.56 -8.50 33.31
C CYS A 391 -7.07 -8.39 33.01
N LYS A 392 -6.66 -7.23 32.50
CA LYS A 392 -5.27 -7.03 32.06
C LYS A 392 -5.02 -5.52 32.14
N ASN A 393 -3.76 -5.08 32.12
CA ASN A 393 -3.39 -3.66 32.21
C ASN A 393 -2.76 -3.26 30.86
N CYS A 394 -3.40 -2.37 30.09
CA CYS A 394 -2.95 -2.09 28.72
C CYS A 394 -2.34 -0.70 28.60
N VAL A 395 -1.56 -0.47 27.54
CA VAL A 395 -0.99 0.87 27.26
C VAL A 395 -1.20 1.11 25.75
N CYS A 396 -1.72 2.27 25.37
CA CYS A 396 -1.87 2.58 23.92
C CYS A 396 -0.67 3.45 23.51
N LEU A 397 0.21 2.91 22.66
CA LEU A 397 1.43 3.67 22.26
C LEU A 397 1.58 3.64 20.74
N GLU A 398 2.22 4.67 20.17
CA GLU A 398 2.34 4.76 18.69
C GLU A 398 3.16 3.59 18.16
N GLY A 399 2.77 3.02 17.03
CA GLY A 399 3.54 1.91 16.43
C GLY A 399 2.64 0.75 16.04
N GLY A 400 3.22 -0.41 15.78
CA GLY A 400 2.43 -1.56 15.30
C GLY A 400 1.73 -2.29 16.43
N SER A 401 0.52 -2.78 16.19
CA SER A 401 -0.27 -3.57 17.18
C SER A 401 -1.02 -2.61 18.11
N GLY A 402 -0.72 -1.32 18.05
CA GLY A 402 -1.50 -0.37 18.87
C GLY A 402 -1.48 -0.76 20.32
N ILE A 403 -2.65 -1.07 20.87
CA ILE A 403 -2.78 -1.44 22.31
C ILE A 403 -1.94 -2.66 22.64
N ILE A 404 -1.16 -2.61 23.72
CA ILE A 404 -0.42 -3.83 24.19
C ILE A 404 -0.99 -4.13 25.57
N CYS A 405 -1.62 -5.29 25.77
CA CYS A 405 -2.31 -5.53 27.07
C CYS A 405 -1.53 -6.54 27.91
N GLN A 406 -1.35 -6.25 29.20
CA GLN A 406 -0.66 -7.20 30.10
C GLN A 406 -1.48 -7.46 31.39
N PRO A 407 -1.80 -8.73 31.78
CA PRO A 407 -2.54 -9.08 33.00
C PRO A 407 -2.10 -8.26 34.21
N PRO B 1 13.89 21.86 -42.29
CA PRO B 1 14.75 23.00 -41.99
C PRO B 1 16.21 22.57 -41.72
N PRO B 2 17.22 23.42 -42.01
CA PRO B 2 18.62 23.08 -41.75
C PRO B 2 18.77 22.84 -40.25
N GLU B 3 18.14 23.67 -39.43
CA GLU B 3 18.14 23.40 -37.97
C GLU B 3 16.76 22.85 -37.63
N CYS B 4 16.70 21.66 -37.04
CA CYS B 4 15.38 21.02 -36.78
C CYS B 4 14.57 21.93 -35.85
N PRO B 5 13.27 22.17 -36.11
CA PRO B 5 12.43 22.98 -35.21
C PRO B 5 12.12 22.23 -33.91
N ASP B 6 12.71 22.66 -32.79
CA ASP B 6 12.52 21.93 -31.51
C ASP B 6 11.19 22.36 -30.86
N THR B 7 22.29 18.14 -32.80
CA THR B 7 21.30 19.24 -33.02
C THR B 7 19.94 18.81 -32.45
N TRP B 8 19.80 17.55 -32.03
CA TRP B 8 18.54 17.03 -31.53
C TRP B 8 18.75 15.68 -30.85
N TRP B 9 18.41 15.59 -29.56
CA TRP B 9 18.42 14.30 -28.88
C TRP B 9 17.01 13.74 -28.90
N LEU B 10 16.79 12.66 -29.65
CA LEU B 10 15.43 12.16 -29.83
C LEU B 10 14.95 11.42 -28.59
N CYS B 11 15.60 10.31 -28.25
CA CYS B 11 15.19 9.47 -27.13
C CYS B 11 16.21 8.35 -27.01
N ASP B 12 16.17 7.66 -25.87
CA ASP B 12 16.87 6.38 -25.67
C ASP B 12 18.31 6.43 -26.18
N CYS B 13 18.99 7.53 -25.88
CA CYS B 13 20.40 7.73 -26.24
C CYS B 13 20.60 7.70 -27.76
N PHE B 14 19.65 8.30 -28.49
CA PHE B 14 19.80 8.49 -29.92
C PHE B 14 20.22 9.92 -30.27
N MET B 15 21.51 10.16 -30.36
CA MET B 15 21.99 11.42 -30.90
C MET B 15 21.54 11.58 -32.34
N ALA B 16 21.41 12.83 -32.77
CA ALA B 16 21.13 13.13 -34.18
C ALA B 16 21.62 14.52 -34.51
N THR B 17 22.29 14.63 -35.66
CA THR B 17 22.62 15.95 -36.22
C THR B 17 21.46 16.18 -37.19
N CYS B 18 21.06 17.42 -37.48
CA CYS B 18 19.86 17.62 -38.33
C CYS B 18 20.21 18.38 -39.61
N LYS B 19 19.81 17.86 -40.77
CA LYS B 19 20.01 18.56 -42.06
C LYS B 19 18.62 18.99 -42.52
N TYR B 20 17.60 18.18 -42.23
CA TYR B 20 16.21 18.52 -42.58
C TYR B 20 15.30 17.58 -41.79
N ASN B 21 14.02 17.92 -41.67
CA ASN B 21 13.08 16.96 -41.02
C ASN B 21 13.09 15.69 -41.87
N ASN B 22 13.15 15.86 -43.20
CA ASN B 22 13.12 14.70 -44.12
C ASN B 22 14.33 13.79 -43.91
N THR B 23 15.54 14.34 -43.72
CA THR B 23 16.76 13.50 -43.63
C THR B 23 17.61 13.89 -42.42
N VAL B 24 17.93 12.95 -41.49
CA VAL B 24 18.67 13.37 -40.26
C VAL B 24 20.07 12.73 -40.14
N GLU B 25 21.05 13.42 -39.52
CA GLU B 25 22.27 12.61 -39.35
C GLU B 25 22.24 12.00 -37.95
N ILE B 26 22.06 10.68 -37.88
CA ILE B 26 21.90 9.99 -36.61
C ILE B 26 23.15 9.19 -36.30
N VAL B 27 23.53 9.18 -35.01
CA VAL B 27 24.62 8.36 -34.52
C VAL B 27 24.20 7.69 -33.21
N LYS B 28 24.50 6.39 -33.08
CA LYS B 28 24.11 5.66 -31.89
C LYS B 28 25.28 5.55 -30.91
N VAL B 29 24.96 5.63 -29.62
CA VAL B 29 25.97 5.60 -28.56
C VAL B 29 25.59 4.51 -27.55
N GLU B 30 26.59 3.73 -27.14
CA GLU B 30 26.43 2.76 -26.07
C GLU B 30 27.80 2.54 -25.44
N CYS B 31 27.82 2.23 -24.14
CA CYS B 31 29.09 2.03 -23.46
C CYS B 31 28.87 1.23 -22.18
N GLU B 32 29.90 0.49 -21.77
CA GLU B 32 29.77 -0.39 -20.58
C GLU B 32 31.11 -0.43 -19.83
N PRO B 33 31.25 0.25 -18.68
CA PRO B 33 32.53 0.32 -17.97
C PRO B 33 33.00 -1.05 -17.48
N PRO B 34 34.32 -1.36 -17.55
CA PRO B 34 34.84 -2.61 -17.01
C PRO B 34 34.63 -2.58 -15.49
N PRO B 35 34.31 -3.71 -14.83
CA PRO B 35 34.02 -3.70 -13.40
C PRO B 35 35.25 -3.23 -12.61
N MET B 36 35.03 -2.48 -11.53
CA MET B 36 36.16 -2.08 -10.66
C MET B 36 35.87 -2.70 -9.32
N PRO B 37 36.15 -4.01 -9.13
CA PRO B 37 35.82 -4.73 -7.88
C PRO B 37 36.59 -4.06 -6.75
N THR B 38 37.76 -3.50 -7.07
CA THR B 38 38.56 -2.83 -6.03
C THR B 38 37.72 -1.72 -5.41
N CYS B 39 37.70 -1.62 -4.09
CA CYS B 39 37.03 -0.52 -3.37
C CYS B 39 37.75 -0.57 -2.02
N SER B 40 38.12 0.56 -1.45
CA SER B 40 38.98 0.56 -0.24
C SER B 40 38.44 -0.44 0.80
N ASN B 41 37.14 -0.36 1.12
CA ASN B 41 36.52 -1.28 2.10
C ASN B 41 36.95 -2.73 1.80
N GLY B 42 37.14 -3.07 0.53
CA GLY B 42 37.43 -4.47 0.14
C GLY B 42 36.11 -5.06 -0.26
N LEU B 43 35.04 -4.42 0.21
CA LEU B 43 33.65 -4.81 -0.15
C LEU B 43 33.46 -4.63 -1.66
N GLN B 44 32.47 -5.31 -2.22
CA GLN B 44 32.22 -5.30 -3.69
C GLN B 44 31.64 -3.96 -4.11
N PRO B 45 31.74 -3.54 -5.39
CA PRO B 45 31.26 -2.23 -5.88
C PRO B 45 29.93 -2.31 -6.62
N VAL B 46 29.09 -1.29 -6.50
CA VAL B 46 27.74 -1.48 -7.03
C VAL B 46 27.50 -0.55 -8.22
N ARG B 47 26.35 -0.79 -8.85
CA ARG B 47 26.00 -0.20 -10.14
C ARG B 47 25.16 1.06 -9.95
N VAL B 48 25.64 2.18 -10.50
CA VAL B 48 25.03 3.48 -10.32
C VAL B 48 24.68 4.03 -11.70
N GLU B 49 23.42 4.47 -11.86
CA GLU B 49 22.96 4.97 -13.14
C GLU B 49 23.43 6.41 -13.38
N ASP B 50 23.79 6.71 -14.62
CA ASP B 50 24.01 8.10 -15.03
C ASP B 50 22.69 8.86 -15.09
N PRO B 51 22.75 10.20 -15.13
CA PRO B 51 21.51 10.97 -15.29
C PRO B 51 20.70 10.58 -16.51
N ASP B 52 21.36 10.19 -17.61
CA ASP B 52 20.66 9.66 -18.76
C ASP B 52 20.74 8.13 -18.78
N GLY B 53 20.00 7.53 -19.69
CA GLY B 53 19.95 6.09 -19.85
C GLY B 53 20.99 5.51 -20.77
N CYS B 54 22.01 6.29 -21.16
CA CYS B 54 23.02 5.80 -22.10
C CYS B 54 23.85 4.69 -21.49
N CYS B 55 24.41 4.90 -20.31
CA CYS B 55 25.29 3.93 -19.67
C CYS B 55 25.13 4.03 -18.16
N TRP B 56 26.10 3.47 -17.44
CA TRP B 56 26.13 3.43 -15.99
C TRP B 56 27.58 3.53 -15.56
N HIS B 57 27.82 3.42 -14.26
CA HIS B 57 29.19 3.34 -13.75
C HIS B 57 29.20 2.58 -12.44
N TRP B 58 30.40 2.43 -11.88
CA TRP B 58 30.60 1.71 -10.63
C TRP B 58 30.83 2.70 -9.49
N GLU B 59 29.98 2.65 -8.48
CA GLU B 59 30.23 3.28 -7.20
C GLU B 59 29.95 2.35 -6.04
N CYS B 60 30.70 2.49 -4.96
CA CYS B 60 30.57 1.58 -3.82
C CYS B 60 30.15 2.34 -2.58
N ASP B 61 29.36 1.66 -1.75
CA ASP B 61 28.67 2.24 -0.61
C ASP B 61 29.64 2.66 0.49
N CYS B 62 29.13 3.48 1.41
CA CYS B 62 29.88 3.92 2.57
C CYS B 62 29.43 3.10 3.77
N TYR B 63 30.32 2.26 4.30
CA TYR B 63 29.98 1.33 5.37
C TYR B 63 30.88 1.59 6.57
N CYS B 64 30.28 1.91 7.71
CA CYS B 64 30.98 2.11 8.97
C CYS B 64 30.48 1.09 9.99
N THR B 65 31.41 0.44 10.69
CA THR B 65 31.04 -0.61 11.63
C THR B 65 31.72 -0.37 12.96
N GLY B 66 31.00 -0.70 14.03
CA GLY B 66 31.58 -0.69 15.36
C GLY B 66 31.22 -1.95 16.11
N TRP B 67 32.23 -2.70 16.54
CA TRP B 67 31.99 -3.94 17.26
C TRP B 67 32.88 -3.99 18.50
N GLY B 68 32.58 -4.94 19.37
CA GLY B 68 33.17 -4.95 20.68
C GLY B 68 32.70 -3.70 21.42
N ASP B 69 33.43 -3.39 22.47
CA ASP B 69 33.22 -2.09 23.09
C ASP B 69 34.01 -1.02 22.33
N PRO B 70 35.34 -1.18 22.11
CA PRO B 70 36.10 -0.08 21.51
C PRO B 70 36.34 -0.20 20.01
N HIS B 71 36.02 -1.33 19.37
CA HIS B 71 36.51 -1.58 18.03
C HIS B 71 35.71 -0.80 16.99
N TYR B 72 36.40 -0.02 16.16
CA TYR B 72 35.80 0.77 15.10
C TYR B 72 36.49 0.48 13.78
N VAL B 73 35.70 0.41 12.70
CA VAL B 73 36.23 0.49 11.34
C VAL B 73 35.41 1.53 10.60
N THR B 74 36.11 2.46 9.95
CA THR B 74 35.49 3.65 9.38
C THR B 74 34.90 3.34 8.00
N PHE B 75 34.52 4.39 7.27
CA PHE B 75 33.88 4.22 5.97
C PHE B 75 34.83 3.64 4.93
N ASP B 76 36.14 3.71 5.13
CA ASP B 76 37.08 3.24 4.09
C ASP B 76 37.78 1.94 4.49
N GLY B 77 37.66 1.52 5.74
CA GLY B 77 38.21 0.22 6.15
C GLY B 77 39.39 0.41 7.06
N LEU B 78 39.54 1.61 7.62
CA LEU B 78 40.58 1.86 8.60
C LEU B 78 40.09 1.47 9.99
N TYR B 79 40.87 0.63 10.68
CA TYR B 79 40.48 0.05 11.94
C TYR B 79 41.23 0.72 13.09
N TYR B 80 40.53 0.98 14.19
CA TYR B 80 41.15 1.48 15.40
C TYR B 80 40.31 1.06 16.61
N SER B 81 40.82 1.39 17.79
CA SER B 81 40.17 1.06 19.05
C SER B 81 40.20 2.28 19.96
N TYR B 82 39.05 2.64 20.51
CA TYR B 82 38.95 3.81 21.37
C TYR B 82 37.97 3.54 22.50
N GLN B 83 38.31 3.93 23.74
CA GLN B 83 37.32 3.76 24.84
C GLN B 83 36.76 5.13 25.23
N GLY B 84 35.44 5.32 25.15
CA GLY B 84 34.86 6.66 25.40
C GLY B 84 33.63 6.63 26.28
N ASN B 85 33.35 7.73 26.99
CA ASN B 85 32.21 7.76 27.95
C ASN B 85 31.06 8.67 27.49
N CYS B 86 31.32 9.88 27.02
CA CYS B 86 30.22 10.82 26.70
C CYS B 86 29.64 10.58 25.30
N THR B 87 28.49 11.20 24.99
CA THR B 87 27.85 11.00 23.67
C THR B 87 28.78 11.50 22.58
N TYR B 88 28.93 10.75 21.48
CA TYR B 88 29.91 11.12 20.44
C TYR B 88 29.21 11.15 19.08
N VAL B 89 29.65 12.03 18.18
CA VAL B 89 29.01 12.16 16.84
C VAL B 89 29.58 11.10 15.88
N LEU B 90 28.87 10.00 15.68
CA LEU B 90 29.31 9.00 14.70
C LEU B 90 29.36 9.59 13.30
N VAL B 91 28.23 10.10 12.81
CA VAL B 91 28.19 10.69 11.46
C VAL B 91 27.33 11.96 11.49
N GLU B 92 27.82 12.98 10.78
CA GLU B 92 27.15 14.27 10.61
C GLU B 92 27.37 14.71 9.18
N GLU B 93 27.11 15.98 8.90
CA GLU B 93 27.27 16.53 7.55
C GLU B 93 28.20 17.73 7.58
N ILE B 94 29.09 17.81 6.59
CA ILE B 94 29.98 18.96 6.49
C ILE B 94 29.24 20.17 5.93
N SER B 95 28.59 19.99 4.79
CA SER B 95 27.76 21.04 4.21
C SER B 95 26.31 20.68 4.48
N PRO B 96 25.60 21.42 5.34
CA PRO B 96 24.25 21.02 5.73
C PRO B 96 23.26 20.94 4.58
N SER B 97 22.76 19.75 4.29
CA SER B 97 21.73 19.54 3.30
C SER B 97 20.42 19.03 3.88
N VAL B 98 20.44 18.46 5.10
CA VAL B 98 19.25 17.97 5.77
C VAL B 98 19.18 18.59 7.15
N ASP B 99 17.98 18.94 7.58
CA ASP B 99 17.80 19.61 8.86
C ASP B 99 18.04 18.63 10.00
N ASN B 100 19.00 18.96 10.86
CA ASN B 100 19.26 18.24 12.10
C ASN B 100 19.47 16.74 11.85
N PHE B 101 20.30 16.44 10.84
CA PHE B 101 20.64 15.07 10.50
C PHE B 101 21.89 14.65 11.26
N GLY B 102 21.83 13.48 11.88
CA GLY B 102 22.99 12.96 12.57
C GLY B 102 22.78 11.60 13.20
N VAL B 103 23.86 10.81 13.32
CA VAL B 103 23.84 9.57 14.06
C VAL B 103 24.91 9.64 15.14
N TYR B 104 24.50 9.37 16.39
CA TYR B 104 25.29 9.59 17.58
C TYR B 104 25.33 8.30 18.40
N ILE B 105 26.40 8.13 19.18
CA ILE B 105 26.44 6.97 20.11
C ILE B 105 26.38 7.57 21.51
N ASP B 106 25.86 6.83 22.50
CA ASP B 106 25.74 7.35 23.89
C ASP B 106 26.27 6.30 24.85
N ASN B 107 27.59 6.13 24.95
CA ASN B 107 28.14 5.01 25.76
C ASN B 107 27.83 5.13 27.27
N TYR B 108 28.05 6.29 27.89
CA TYR B 108 27.88 6.37 29.37
C TYR B 108 27.04 7.58 29.78
N HIS B 109 26.61 8.40 28.82
CA HIS B 109 25.90 9.65 29.16
C HIS B 109 24.59 9.32 29.87
N CYS B 110 24.14 8.07 29.76
CA CYS B 110 22.85 7.65 30.38
C CYS B 110 22.90 7.86 31.91
N ASP B 111 24.03 7.60 32.57
CA ASP B 111 24.07 7.71 34.05
C ASP B 111 25.29 8.53 34.51
N PRO B 112 25.31 9.22 35.70
CA PRO B 112 26.53 9.91 36.12
C PRO B 112 27.67 8.91 36.31
N ASN B 113 27.38 7.75 36.91
CA ASN B 113 28.40 6.67 37.04
C ASN B 113 28.44 5.87 35.73
N ASP B 114 29.38 4.94 35.58
CA ASP B 114 29.39 4.08 34.37
C ASP B 114 28.03 3.39 34.30
N LYS B 115 27.37 3.43 33.13
CA LYS B 115 26.00 2.84 33.05
C LYS B 115 26.08 1.44 32.44
N VAL B 116 25.64 0.43 33.20
CA VAL B 116 25.57 -0.95 32.64
C VAL B 116 24.12 -1.19 32.22
N SER B 117 23.19 -0.48 32.86
CA SER B 117 21.76 -0.58 32.47
C SER B 117 21.62 -0.06 31.04
N CYS B 118 22.33 1.02 30.71
CA CYS B 118 22.33 1.51 29.30
C CYS B 118 23.73 1.26 28.73
N PRO B 119 23.98 0.12 28.05
CA PRO B 119 25.28 -0.12 27.40
C PRO B 119 25.49 0.90 26.29
N ARG B 120 24.44 1.15 25.49
CA ARG B 120 24.53 2.15 24.40
C ARG B 120 23.13 2.65 24.05
N THR B 121 23.04 3.86 23.49
CA THR B 121 21.75 4.41 23.01
C THR B 121 22.03 5.00 21.64
N LEU B 122 21.62 4.34 20.57
CA LEU B 122 21.97 4.82 19.22
C LEU B 122 21.02 5.91 18.83
N ILE B 123 21.51 7.13 18.98
CA ILE B 123 20.62 8.27 18.76
C ILE B 123 20.66 8.63 17.28
N VAL B 124 19.51 8.53 16.62
CA VAL B 124 19.37 8.92 15.23
C VAL B 124 18.45 10.13 15.19
N ARG B 125 19.00 11.28 14.79
CA ARG B 125 18.26 12.53 14.77
C ARG B 125 18.06 12.94 13.32
N HIS B 126 16.80 13.15 12.94
CA HIS B 126 16.44 13.51 11.57
C HIS B 126 15.26 14.46 11.61
N GLU B 127 15.49 15.70 11.16
CA GLU B 127 14.46 16.73 11.12
C GLU B 127 13.80 16.92 12.48
N THR B 128 12.50 16.65 12.55
CA THR B 128 11.77 16.81 13.81
C THR B 128 12.03 15.67 14.79
N GLN B 129 12.32 14.48 14.28
CA GLN B 129 12.34 13.28 15.12
C GLN B 129 13.75 12.96 15.61
N GLU B 130 13.80 12.29 16.77
CA GLU B 130 15.01 11.63 17.24
C GLU B 130 14.62 10.30 17.87
N VAL B 131 15.41 9.27 17.57
CA VAL B 131 15.15 7.92 18.05
C VAL B 131 16.34 7.47 18.89
N LEU B 132 16.06 7.07 20.14
CA LEU B 132 17.07 6.54 21.04
C LEU B 132 16.79 5.06 21.26
N ILE B 133 17.60 4.17 20.70
CA ILE B 133 17.27 2.73 20.85
C ILE B 133 18.01 2.21 22.08
N LYS B 134 17.46 2.42 23.27
CA LYS B 134 18.16 1.99 24.52
C LYS B 134 18.21 0.47 24.56
N THR B 135 19.14 -0.10 25.32
CA THR B 135 19.12 -1.57 25.48
C THR B 135 18.93 -1.95 26.95
N VAL B 136 17.76 -2.45 27.32
CA VAL B 136 17.59 -2.99 28.69
C VAL B 136 18.20 -4.40 28.63
N HIS B 137 18.59 -4.98 29.77
CA HIS B 137 19.29 -6.29 29.69
C HIS B 137 18.41 -7.35 29.01
N MET B 138 17.12 -7.40 29.35
CA MET B 138 16.23 -8.46 28.79
C MET B 138 16.10 -8.32 27.27
N MET B 139 15.89 -7.09 26.76
CA MET B 139 15.69 -6.88 25.30
C MET B 139 15.71 -5.37 25.01
N PRO B 140 16.19 -4.85 23.84
CA PRO B 140 16.22 -3.39 23.67
C PRO B 140 14.85 -2.75 23.73
N MET B 141 14.87 -1.47 24.10
CA MET B 141 13.70 -0.59 24.15
C MET B 141 14.06 0.71 23.43
N GLN B 142 13.09 1.25 22.68
CA GLN B 142 13.30 2.43 21.85
C GLN B 142 12.36 3.56 22.27
N VAL B 143 12.89 4.77 22.27
CA VAL B 143 12.17 5.98 22.66
C VAL B 143 12.24 6.97 21.51
N GLN B 144 11.09 7.38 21.00
CA GLN B 144 11.00 8.33 19.88
C GLN B 144 10.42 9.62 20.42
N VAL B 145 11.23 10.68 20.41
CA VAL B 145 10.86 11.98 20.95
C VAL B 145 10.36 11.88 22.39
N GLN B 146 9.39 9.55 24.26
CA GLN B 146 8.23 8.76 24.60
C GLN B 146 8.29 7.42 23.86
N ALA B 147 7.93 6.34 24.55
CA ALA B 147 8.10 4.99 24.01
C ALA B 147 7.16 4.74 22.84
N VAL B 148 7.54 3.79 22.00
CA VAL B 148 6.81 3.44 20.78
C VAL B 148 6.80 1.93 20.62
N ALA B 149 6.04 1.46 19.63
CA ALA B 149 6.06 0.06 19.25
C ALA B 149 7.15 -0.18 18.20
N LEU B 150 7.46 -1.47 17.99
CA LEU B 150 8.56 -1.79 17.09
C LEU B 150 8.26 -1.43 15.64
N PRO B 151 7.15 -1.87 15.01
CA PRO B 151 6.93 -1.51 13.61
C PRO B 151 6.49 -0.07 13.46
N TYR B 152 7.46 0.86 13.47
CA TYR B 152 7.17 2.28 13.46
C TYR B 152 7.58 2.88 12.12
N LYS B 153 6.79 3.83 11.62
CA LYS B 153 7.10 4.49 10.35
C LYS B 153 6.36 5.82 10.34
N LYS B 154 7.13 6.92 10.36
CA LYS B 154 6.55 8.24 10.57
C LYS B 154 7.40 9.28 9.85
N TYR B 155 6.76 10.10 9.03
CA TYR B 155 7.41 11.20 8.30
C TYR B 155 8.61 10.70 7.48
N GLY B 156 8.50 9.46 7.00
CA GLY B 156 9.55 8.88 6.18
C GLY B 156 10.71 8.29 6.94
N LEU B 157 10.61 8.17 8.26
CA LEU B 157 11.61 7.49 9.08
C LEU B 157 11.01 6.18 9.55
N GLU B 158 11.71 5.06 9.30
CA GLU B 158 11.14 3.75 9.58
C GLU B 158 12.04 2.97 10.53
N VAL B 159 11.45 2.43 11.59
CA VAL B 159 12.15 1.58 12.54
C VAL B 159 11.43 0.23 12.58
N TYR B 160 12.20 -0.85 12.48
CA TYR B 160 11.66 -2.20 12.54
C TYR B 160 12.76 -3.16 12.98
N GLN B 161 12.50 -4.46 12.83
CA GLN B 161 13.44 -5.50 13.19
C GLN B 161 13.79 -6.33 11.96
N SER B 162 15.00 -6.89 11.95
CA SER B 162 15.45 -7.79 10.90
C SER B 162 16.43 -8.77 11.53
N GLY B 163 16.03 -10.04 11.62
CA GLY B 163 16.87 -11.02 12.27
C GLY B 163 17.03 -10.69 13.75
N ILE B 164 18.28 -10.47 14.15
CA ILE B 164 18.59 -10.06 15.53
C ILE B 164 19.00 -8.59 15.59
N ASN B 165 18.66 -7.82 14.57
CA ASN B 165 19.06 -6.42 14.47
C ASN B 165 17.84 -5.52 14.49
N TYR B 166 18.02 -4.32 15.05
CA TYR B 166 17.01 -3.28 15.01
C TYR B 166 17.44 -2.24 13.98
N VAL B 167 16.57 -1.97 13.02
CA VAL B 167 16.91 -1.21 11.82
C VAL B 167 16.14 0.10 11.82
N VAL B 168 16.87 1.20 11.72
CA VAL B 168 16.32 2.53 11.47
C VAL B 168 16.81 2.96 10.10
N ASP B 169 15.87 3.28 9.21
CA ASP B 169 16.21 3.65 7.84
C ASP B 169 15.45 4.90 7.41
N ILE B 170 16.07 5.64 6.49
CA ILE B 170 15.42 6.71 5.79
C ILE B 170 15.45 6.38 4.30
N PRO B 171 14.33 5.97 3.71
CA PRO B 171 14.32 5.65 2.27
C PRO B 171 14.60 6.84 1.38
N GLU B 172 14.27 8.05 1.81
CA GLU B 172 14.53 9.23 0.99
C GLU B 172 16.03 9.40 0.76
N LEU B 173 16.80 9.33 1.85
CA LEU B 173 18.24 9.51 1.76
C LEU B 173 18.96 8.19 1.54
N GLY B 174 18.29 7.07 1.83
CA GLY B 174 18.89 5.76 1.65
C GLY B 174 19.68 5.29 2.85
N VAL B 175 19.43 5.91 4.01
CA VAL B 175 20.26 5.68 5.19
C VAL B 175 19.88 4.36 5.85
N LEU B 176 20.90 3.56 6.19
CA LEU B 176 20.76 2.34 6.97
C LEU B 176 21.48 2.51 8.29
N VAL B 177 20.78 2.28 9.40
CA VAL B 177 21.39 2.20 10.72
C VAL B 177 20.90 0.91 11.36
N SER B 178 21.84 0.07 11.79
CA SER B 178 21.52 -1.21 12.41
C SER B 178 22.18 -1.29 13.77
N TYR B 179 21.40 -1.69 14.79
CA TYR B 179 21.86 -1.84 16.15
C TYR B 179 21.64 -3.30 16.54
N ASN B 180 22.63 -3.90 17.21
CA ASN B 180 22.54 -5.30 17.61
C ASN B 180 22.51 -5.52 19.12
N GLY B 181 23.12 -4.64 19.89
CA GLY B 181 23.38 -4.86 21.30
C GLY B 181 24.83 -5.16 21.60
N LEU B 182 25.58 -5.64 20.61
CA LEU B 182 27.01 -5.81 20.70
C LEU B 182 27.77 -5.05 19.63
N SER B 183 27.06 -4.38 18.72
CA SER B 183 27.67 -3.72 17.59
C SER B 183 26.68 -2.77 16.94
N PHE B 184 27.17 -2.00 15.97
CA PHE B 184 26.34 -1.07 15.21
C PHE B 184 26.92 -0.94 13.81
N SER B 185 26.06 -0.61 12.85
CA SER B 185 26.49 -0.42 11.47
C SER B 185 25.73 0.74 10.85
N VAL B 186 26.45 1.56 10.09
CA VAL B 186 25.88 2.69 9.35
C VAL B 186 26.24 2.51 7.89
N ARG B 187 25.24 2.62 7.01
CA ARG B 187 25.40 2.29 5.60
C ARG B 187 24.74 3.38 4.76
N LEU B 188 25.53 4.05 3.93
CA LEU B 188 25.12 5.24 3.21
C LEU B 188 25.43 5.11 1.72
N PRO B 189 24.66 5.77 0.86
CA PRO B 189 25.03 5.87 -0.55
C PRO B 189 26.11 6.91 -0.78
N TYR B 190 26.70 6.87 -1.97
CA TYR B 190 27.83 7.74 -2.30
C TYR B 190 27.42 9.09 -2.87
N HIS B 191 26.50 9.10 -3.84
CA HIS B 191 26.06 10.38 -4.42
C HIS B 191 25.35 11.24 -3.38
N ARG B 192 24.49 10.63 -2.56
CA ARG B 192 23.86 11.34 -1.45
C ARG B 192 24.88 11.81 -0.42
N PHE B 193 25.78 10.92 0.00
CA PHE B 193 26.78 11.24 1.02
C PHE B 193 28.16 10.83 0.51
N GLY B 194 28.80 11.74 -0.20
CA GLY B 194 30.15 11.54 -0.66
C GLY B 194 31.00 12.78 -0.51
N ASN B 195 32.11 12.66 0.23
CA ASN B 195 32.95 13.82 0.58
C ASN B 195 32.11 14.88 1.28
N ASN B 196 31.16 14.43 2.10
CA ASN B 196 30.24 15.32 2.78
C ASN B 196 29.93 14.88 4.21
N THR B 197 30.76 14.02 4.80
CA THR B 197 30.50 13.46 6.12
C THR B 197 31.68 13.69 7.04
N LYS B 198 31.40 13.63 8.33
CA LYS B 198 32.43 13.81 9.36
C LYS B 198 31.98 13.11 10.63
N GLY B 199 32.95 12.85 11.51
CA GLY B 199 32.72 12.18 12.77
C GLY B 199 33.76 11.11 13.01
N GLN B 200 33.42 10.16 13.88
CA GLN B 200 34.31 9.04 14.14
C GLN B 200 34.30 7.99 13.03
N CYS B 201 33.31 8.03 12.15
CA CYS B 201 33.26 7.13 11.01
C CYS B 201 34.05 7.65 9.81
N GLY B 202 34.62 8.84 9.91
CA GLY B 202 35.47 9.36 8.87
C GLY B 202 34.71 9.88 7.67
N THR B 203 35.48 10.20 6.63
CA THR B 203 34.96 10.70 5.37
C THR B 203 34.94 9.58 4.35
N CYS B 204 33.85 9.50 3.58
CA CYS B 204 33.70 8.48 2.54
C CYS B 204 34.25 9.04 1.24
N THR B 205 35.59 8.96 1.10
CA THR B 205 36.29 9.57 -0.01
C THR B 205 37.27 8.61 -0.68
N ASN B 206 36.98 7.31 -0.56
CA ASN B 206 37.75 6.18 -1.16
C ASN B 206 39.21 6.15 -0.68
N THR B 207 39.81 7.30 -0.39
CA THR B 207 41.14 7.29 0.29
C THR B 207 40.96 6.99 1.78
N THR B 208 41.99 6.46 2.43
CA THR B 208 41.91 6.16 3.88
C THR B 208 42.72 7.20 4.67
N SER B 209 43.56 7.98 3.98
CA SER B 209 44.35 9.04 4.62
C SER B 209 43.46 10.02 5.38
N ASP B 210 42.35 10.43 4.78
CA ASP B 210 41.45 11.40 5.39
C ASP B 210 40.26 10.69 6.04
N ASP B 211 40.54 9.96 7.12
CA ASP B 211 39.51 9.24 7.86
C ASP B 211 39.36 9.70 9.30
N CYS B 212 40.32 10.45 9.85
CA CYS B 212 40.13 11.16 11.11
C CYS B 212 40.41 12.65 10.90
N ILE B 213 39.34 13.43 10.83
CA ILE B 213 39.42 14.88 10.75
C ILE B 213 38.93 15.46 12.07
N LEU B 214 39.57 16.53 12.49
CA LEU B 214 39.20 17.23 13.70
C LEU B 214 37.95 18.06 13.48
N PRO B 215 37.24 18.42 14.55
CA PRO B 215 36.12 19.35 14.40
C PRO B 215 36.47 20.62 13.67
N SER B 216 37.68 21.14 13.90
CA SER B 216 38.15 22.30 13.14
C SER B 216 38.33 21.95 11.66
N GLY B 217 38.84 20.76 11.37
CA GLY B 217 39.00 20.32 10.00
C GLY B 217 40.43 20.08 9.56
N GLU B 218 41.28 19.64 10.49
CA GLU B 218 42.68 19.36 10.19
C GLU B 218 42.88 17.85 10.03
N ILE B 219 44.06 17.49 9.51
CA ILE B 219 44.43 16.10 9.28
C ILE B 219 45.50 15.72 10.29
N VAL B 220 45.30 14.60 10.98
CA VAL B 220 46.25 14.07 11.94
C VAL B 220 46.52 12.61 11.61
N SER B 221 47.76 12.17 11.85
CA SER B 221 48.12 10.78 11.57
C SER B 221 47.53 9.83 12.60
N ASN B 222 47.55 10.22 13.87
CA ASN B 222 47.04 9.36 14.95
C ASN B 222 45.52 9.41 14.92
N CYS B 223 44.94 8.50 14.14
CA CYS B 223 43.49 8.47 13.95
C CYS B 223 42.78 8.10 15.24
N GLU B 224 43.49 7.49 16.19
CA GLU B 224 42.90 7.15 17.48
C GLU B 224 42.58 8.39 18.30
N ALA B 225 43.37 9.46 18.14
CA ALA B 225 43.23 10.65 18.98
C ALA B 225 42.15 11.61 18.48
N ALA B 226 41.90 11.66 17.17
CA ALA B 226 40.90 12.59 16.66
C ALA B 226 39.49 12.20 17.09
N ALA B 227 39.18 10.90 17.11
CA ALA B 227 37.86 10.45 17.51
C ALA B 227 37.54 10.83 18.95
N ASP B 228 38.57 11.00 19.78
CA ASP B 228 38.37 11.46 21.15
C ASP B 228 37.76 12.86 21.18
N GLN B 229 38.09 13.69 20.20
CA GLN B 229 37.68 15.10 20.20
C GLN B 229 36.34 15.31 19.50
N TRP B 230 35.71 14.25 19.01
CA TRP B 230 34.38 14.34 18.42
C TRP B 230 33.30 14.14 19.49
N LEU B 231 33.39 14.97 20.53
CA LEU B 231 32.53 14.87 21.69
C LEU B 231 31.37 15.86 21.57
N VAL B 232 30.17 15.40 21.90
CA VAL B 232 28.97 16.22 21.86
C VAL B 232 28.55 16.55 23.29
N ASN B 233 28.29 17.83 23.56
CA ASN B 233 27.85 18.29 24.86
C ASN B 233 26.37 18.66 24.81
N ASP B 234 25.62 18.20 25.81
CA ASP B 234 24.18 18.41 25.87
C ASP B 234 23.81 18.97 27.24
N PRO B 235 22.75 19.77 27.33
CA PRO B 235 22.33 20.29 28.65
C PRO B 235 22.01 19.20 29.65
N SER B 236 21.51 18.05 29.18
CA SER B 236 21.31 16.90 30.08
C SER B 236 22.68 16.35 30.52
N LYS B 237 22.91 16.22 31.84
CA LYS B 237 24.19 15.68 32.36
C LYS B 237 25.36 16.45 31.74
N PRO B 238 25.44 17.79 31.86
CA PRO B 238 26.45 18.58 31.16
C PRO B 238 27.84 18.57 31.81
N HIS B 239 28.17 17.55 32.60
CA HIS B 239 29.52 17.53 33.15
C HIS B 239 30.57 17.13 32.11
N CYS B 240 30.17 16.52 31.01
CA CYS B 240 31.13 16.18 29.96
C CYS B 240 31.65 17.45 29.29
N PRO B 241 32.93 17.49 28.88
CA PRO B 241 33.50 18.66 28.22
C PRO B 241 32.99 18.85 26.80
N ASP B 242 52.17 -15.66 27.59
CA ASP B 242 51.15 -15.31 28.57
C ASP B 242 49.76 -15.62 28.06
N CYS B 243 49.35 -14.93 27.00
CA CYS B 243 48.02 -15.10 26.43
C CYS B 243 47.97 -16.37 25.58
N THR B 244 46.98 -17.22 25.86
CA THR B 244 46.77 -18.41 25.06
C THR B 244 45.63 -18.15 24.08
N PRO B 245 45.91 -18.11 22.76
CA PRO B 245 44.81 -17.90 21.80
C PRO B 245 43.80 -19.03 21.83
N SER B 246 42.59 -18.73 22.27
CA SER B 246 41.53 -19.73 22.31
C SER B 246 41.18 -20.16 20.90
N PRO B 247 40.81 -21.43 20.69
CA PRO B 247 40.41 -21.87 19.35
C PRO B 247 39.19 -21.11 18.82
N LEU B 248 38.38 -20.55 19.71
CA LEU B 248 37.19 -19.80 19.29
C LEU B 248 37.56 -18.63 18.39
N CYS B 249 38.72 -18.00 18.65
CA CYS B 249 39.25 -17.03 17.70
C CYS B 249 39.86 -17.73 16.48
N GLN B 250 40.41 -18.93 16.67
CA GLN B 250 41.06 -19.64 15.58
C GLN B 250 40.08 -20.13 14.52
N LEU B 251 38.77 -20.14 14.80
CA LEU B 251 37.81 -20.47 13.74
C LEU B 251 37.90 -19.54 12.54
N ILE B 252 38.44 -18.32 12.72
CA ILE B 252 38.52 -17.38 11.61
C ILE B 252 39.37 -17.95 10.48
N LYS B 253 40.51 -18.55 10.81
CA LYS B 253 41.41 -19.13 9.83
C LYS B 253 40.98 -20.52 9.36
N ASP B 254 39.96 -21.11 9.98
CA ASP B 254 39.59 -22.48 9.70
C ASP B 254 38.85 -22.60 8.37
N SER B 255 38.60 -23.84 7.96
CA SER B 255 37.93 -24.11 6.69
C SER B 255 36.48 -23.64 6.68
N LEU B 256 35.82 -23.47 7.83
CA LEU B 256 34.37 -23.14 7.80
C LEU B 256 34.08 -21.74 7.24
N PHE B 257 34.82 -20.72 7.67
CA PHE B 257 34.56 -19.33 7.22
C PHE B 257 35.39 -19.08 5.96
N ALA B 258 36.06 -20.13 5.48
CA ALA B 258 36.96 -19.97 4.30
C ALA B 258 36.16 -19.61 3.07
N GLN B 259 34.84 -19.66 3.13
CA GLN B 259 34.02 -19.20 2.00
C GLN B 259 34.13 -17.68 1.94
N CYS B 260 34.11 -17.02 3.09
CA CYS B 260 34.09 -15.53 3.16
C CYS B 260 35.44 -14.86 2.95
N HIS B 261 36.54 -15.60 2.97
CA HIS B 261 37.85 -14.91 2.94
C HIS B 261 37.91 -14.02 1.70
N ALA B 262 37.47 -14.53 0.54
CA ALA B 262 37.59 -13.74 -0.70
C ALA B 262 36.68 -12.50 -0.68
N LEU B 263 35.41 -12.66 -0.33
CA LEU B 263 34.45 -11.50 -0.40
C LEU B 263 34.71 -10.45 0.68
N VAL B 264 34.97 -10.86 1.93
CA VAL B 264 35.17 -9.90 3.06
C VAL B 264 36.51 -10.22 3.75
N PRO B 265 37.45 -9.26 3.86
CA PRO B 265 38.75 -9.52 4.46
C PRO B 265 38.69 -9.74 5.98
N PRO B 266 39.53 -10.61 6.57
CA PRO B 266 39.47 -10.89 8.01
C PRO B 266 40.57 -10.49 8.99
N GLN B 267 41.62 -9.75 8.60
CA GLN B 267 42.69 -9.49 9.55
C GLN B 267 42.19 -8.68 10.75
N HIS B 268 41.38 -7.65 10.50
CA HIS B 268 40.91 -6.80 11.59
C HIS B 268 40.12 -7.58 12.62
N TYR B 269 39.18 -8.42 12.17
CA TYR B 269 38.36 -9.19 13.09
C TYR B 269 39.19 -10.20 13.86
N TYR B 270 40.17 -10.84 13.19
CA TYR B 270 41.03 -11.80 13.88
C TYR B 270 41.84 -11.12 14.97
N ASP B 271 42.45 -9.97 14.65
CA ASP B 271 43.24 -9.26 15.65
C ASP B 271 42.37 -8.76 16.80
N ALA B 272 41.16 -8.28 16.49
CA ALA B 272 40.25 -7.86 17.56
C ALA B 272 39.86 -9.04 18.45
N CYS B 273 39.62 -10.21 17.84
CA CYS B 273 39.30 -11.40 18.63
C CYS B 273 40.45 -11.77 19.56
N VAL B 274 41.68 -11.76 19.03
CA VAL B 274 42.84 -12.11 19.86
C VAL B 274 43.00 -11.11 21.00
N PHE B 275 42.85 -9.82 20.70
CA PHE B 275 42.99 -8.80 21.74
C PHE B 275 41.92 -8.96 22.82
N ASP B 276 40.68 -9.22 22.41
CA ASP B 276 39.60 -9.41 23.39
C ASP B 276 39.85 -10.65 24.24
N SER B 277 40.35 -11.73 23.63
CA SER B 277 40.68 -12.93 24.40
C SER B 277 41.80 -12.65 25.39
N CYS B 278 42.78 -11.85 24.98
CA CYS B 278 43.90 -11.52 25.86
C CYS B 278 43.55 -10.51 26.94
N PHE B 279 42.42 -9.80 26.79
CA PHE B 279 42.05 -8.79 27.78
C PHE B 279 41.77 -9.45 29.13
N MET B 280 40.83 -10.40 29.16
CA MET B 280 40.67 -11.33 30.28
C MET B 280 40.12 -12.66 29.74
N PRO B 281 40.86 -13.75 29.93
CA PRO B 281 40.40 -15.03 29.39
C PRO B 281 39.19 -15.56 30.12
N GLY B 282 38.45 -16.42 29.43
CA GLY B 282 37.29 -17.07 30.01
C GLY B 282 36.15 -16.14 30.34
N SER B 283 35.86 -15.17 29.46
CA SER B 283 34.77 -14.23 29.69
C SER B 283 33.81 -14.16 28.50
N SER B 284 33.97 -15.05 27.50
CA SER B 284 33.12 -15.06 26.31
C SER B 284 33.14 -13.70 25.61
N LEU B 285 34.30 -13.04 25.63
CA LEU B 285 34.47 -11.73 25.02
C LEU B 285 34.94 -11.80 23.58
N GLU B 286 35.17 -13.00 23.05
CA GLU B 286 35.74 -13.16 21.72
C GLU B 286 34.78 -13.75 20.70
N CYS B 287 33.50 -13.88 21.02
CA CYS B 287 32.51 -14.32 20.05
C CYS B 287 31.60 -13.18 19.58
N ALA B 288 32.07 -11.94 19.73
CA ALA B 288 31.41 -10.79 19.11
C ALA B 288 32.06 -10.43 17.78
N SER B 289 33.39 -10.52 17.70
CA SER B 289 34.07 -10.35 16.42
C SER B 289 33.64 -11.44 15.44
N LEU B 290 33.49 -12.67 15.93
CA LEU B 290 32.97 -13.74 15.08
C LEU B 290 31.56 -13.41 14.60
N GLN B 291 30.71 -12.90 15.49
CA GLN B 291 29.35 -12.57 15.12
C GLN B 291 29.32 -11.51 14.02
N ALA B 292 30.13 -10.45 14.15
CA ALA B 292 30.13 -9.40 13.15
C ALA B 292 30.75 -9.86 11.84
N TYR B 293 31.81 -10.67 11.91
CA TYR B 293 32.42 -11.19 10.69
C TYR B 293 31.42 -12.06 9.92
N ALA B 294 30.71 -12.94 10.63
CA ALA B 294 29.69 -13.77 9.99
C ALA B 294 28.53 -12.93 9.48
N ALA B 295 28.16 -11.88 10.21
CA ALA B 295 27.07 -11.02 9.75
C ALA B 295 27.44 -10.31 8.45
N LEU B 296 28.66 -9.86 8.20
CA LEU B 296 28.94 -9.13 6.93
C LEU B 296 28.94 -10.11 5.76
N CYS B 297 29.39 -11.34 5.99
CA CYS B 297 29.45 -12.36 4.94
C CYS B 297 28.04 -12.60 4.43
N ALA B 298 27.07 -12.57 5.34
CA ALA B 298 25.65 -12.82 4.97
C ALA B 298 25.03 -11.62 4.27
N GLN B 299 25.63 -10.43 4.36
CA GLN B 299 25.11 -9.29 3.56
C GLN B 299 25.34 -9.69 2.10
N GLN B 300 26.52 -10.26 1.80
CA GLN B 300 26.74 -10.83 0.45
C GLN B 300 26.01 -12.18 0.51
N ASN B 301 25.76 -12.86 -0.61
CA ASN B 301 24.96 -14.09 -0.46
C ASN B 301 25.83 -15.28 0.00
N ILE B 302 26.42 -15.20 1.20
CA ILE B 302 27.20 -16.35 1.75
C ILE B 302 26.79 -16.56 3.22
N CYS B 303 25.58 -17.06 3.48
CA CYS B 303 25.09 -17.30 4.87
C CYS B 303 25.80 -18.53 5.46
N LEU B 304 26.15 -18.51 6.75
CA LEU B 304 26.93 -19.64 7.33
C LEU B 304 26.39 -20.12 8.68
N ASP B 305 26.82 -21.31 9.13
CA ASP B 305 26.46 -21.84 10.44
C ASP B 305 27.75 -22.11 11.20
N TRP B 306 28.10 -21.20 12.09
CA TRP B 306 29.36 -21.26 12.84
C TRP B 306 29.17 -21.48 14.33
N ARG B 307 27.99 -21.21 14.87
CA ARG B 307 27.81 -21.21 16.32
C ARG B 307 27.72 -22.64 16.85
N ASN B 308 27.25 -23.57 16.01
CA ASN B 308 27.28 -25.00 16.36
C ASN B 308 28.70 -25.47 16.67
N HIS B 309 29.70 -24.86 16.05
CA HIS B 309 31.10 -25.22 16.26
C HIS B 309 31.73 -24.54 17.45
N THR B 310 30.99 -23.69 18.17
CA THR B 310 31.58 -22.92 19.26
C THR B 310 31.60 -23.66 20.59
N HIS B 311 31.05 -24.88 20.65
CA HIS B 311 30.86 -25.58 21.92
C HIS B 311 30.08 -24.73 22.91
N GLY B 312 29.14 -23.93 22.38
CA GLY B 312 28.31 -23.13 23.24
C GLY B 312 28.99 -21.85 23.68
N ALA B 313 28.66 -21.42 24.90
CA ALA B 313 29.22 -20.28 25.62
C ALA B 313 28.72 -18.94 25.07
N CYS B 314 28.02 -18.96 23.92
CA CYS B 314 27.20 -17.82 23.50
C CYS B 314 26.30 -18.27 22.37
N LEU B 315 24.99 -18.25 22.61
CA LEU B 315 23.99 -18.58 21.60
C LEU B 315 22.83 -17.59 21.70
N VAL B 316 21.72 -17.94 21.04
CA VAL B 316 20.54 -17.08 20.99
C VAL B 316 19.61 -17.45 22.15
N GLU B 317 18.94 -16.44 22.70
CA GLU B 317 17.98 -16.63 23.79
C GLU B 317 16.67 -15.96 23.39
N CYS B 318 15.78 -16.73 22.77
CA CYS B 318 14.46 -16.27 22.37
C CYS B 318 13.46 -17.38 22.69
N PRO B 319 12.15 -17.05 22.84
CA PRO B 319 11.24 -17.98 23.51
C PRO B 319 11.01 -19.30 22.79
N SER B 320 10.15 -20.13 23.39
CA SER B 320 9.89 -21.51 22.91
C SER B 320 8.90 -21.51 21.74
N HIS B 321 8.32 -20.35 21.41
CA HIS B 321 7.39 -20.29 20.26
C HIS B 321 8.16 -20.16 18.95
N ARG B 322 9.50 -20.14 19.01
CA ARG B 322 10.31 -19.98 17.78
C ARG B 322 11.52 -20.91 17.84
N GLU B 323 12.48 -20.75 16.93
CA GLU B 323 13.62 -21.68 16.79
C GLU B 323 14.77 -20.98 16.04
N TYR B 324 15.99 -21.03 16.59
CA TYR B 324 17.15 -20.40 15.91
C TYR B 324 17.34 -21.02 14.54
N GLN B 325 17.26 -20.21 13.49
CA GLN B 325 17.52 -20.68 12.11
C GLN B 325 18.62 -19.80 11.52
N ALA B 326 19.79 -20.39 11.27
CA ALA B 326 20.99 -19.61 10.89
C ALA B 326 20.73 -18.81 9.61
N CYS B 327 19.73 -19.21 8.81
CA CYS B 327 19.38 -18.41 7.62
C CYS B 327 17.87 -18.46 7.42
N GLY B 328 17.21 -17.30 7.45
CA GLY B 328 15.75 -17.26 7.35
C GLY B 328 15.33 -15.99 6.67
N PRO B 329 14.06 -15.79 6.30
CA PRO B 329 13.72 -14.60 5.51
C PRO B 329 14.01 -13.31 6.26
N ALA B 330 14.59 -12.29 5.61
CA ALA B 330 14.77 -11.03 6.38
C ALA B 330 13.42 -10.55 6.90
N GLU B 331 12.44 -10.34 6.02
CA GLU B 331 11.06 -9.93 6.44
C GLU B 331 10.20 -11.18 6.63
N GLU B 332 10.15 -11.74 7.83
CA GLU B 332 9.44 -13.03 8.05
C GLU B 332 8.13 -13.01 7.29
N PRO B 333 7.70 -14.08 6.60
CA PRO B 333 6.39 -13.99 5.96
C PRO B 333 5.26 -14.05 6.98
N THR B 334 4.33 -13.09 6.86
CA THR B 334 3.12 -13.06 7.65
C THR B 334 1.93 -13.08 6.72
N CYS B 335 0.80 -13.54 7.28
CA CYS B 335 -0.43 -13.76 6.46
C CYS B 335 -1.38 -12.57 6.37
N LYS B 336 -1.35 -11.63 7.31
CA LYS B 336 -2.30 -10.50 7.16
C LYS B 336 -2.01 -9.82 5.83
N SER B 337 -0.75 -9.50 5.57
CA SER B 337 -0.39 -8.80 4.32
C SER B 337 0.81 -9.47 3.65
N SER B 338 0.60 -10.59 2.95
CA SER B 338 1.72 -11.21 2.20
C SER B 338 2.20 -10.21 1.14
N SER B 339 1.27 -9.54 0.45
CA SER B 339 1.63 -8.48 -0.54
C SER B 339 2.59 -8.98 -1.62
N SER B 340 2.43 -10.23 -2.09
CA SER B 340 3.26 -10.78 -3.20
C SER B 340 4.65 -11.20 -2.72
N GLN B 341 4.97 -10.98 -1.44
CA GLN B 341 6.26 -11.45 -0.86
C GLN B 341 7.46 -11.02 -1.71
N GLN B 342 7.59 -9.74 -2.06
CA GLN B 342 8.81 -9.26 -2.77
C GLN B 342 10.01 -10.02 -2.18
N ASN B 343 10.79 -10.72 -3.01
CA ASN B 343 11.83 -11.61 -2.43
C ASN B 343 13.12 -10.79 -2.28
N ASN B 344 13.66 -10.70 -1.07
CA ASN B 344 14.86 -9.85 -0.83
C ASN B 344 16.18 -10.55 -1.12
N THR B 345 16.13 -11.86 -1.37
CA THR B 345 17.38 -12.60 -1.73
C THR B 345 18.18 -12.82 -0.42
N VAL B 346 18.79 -11.71 0.02
CA VAL B 346 19.51 -11.68 1.32
C VAL B 346 18.82 -12.44 2.44
N LEU B 347 19.58 -13.22 3.21
CA LEU B 347 19.02 -14.06 4.28
C LEU B 347 19.62 -13.65 5.62
N VAL B 348 18.78 -13.54 6.64
CA VAL B 348 19.22 -13.03 7.97
C VAL B 348 19.06 -14.12 9.01
N GLU B 349 19.79 -14.00 10.10
CA GLU B 349 19.84 -15.10 11.09
C GLU B 349 19.28 -14.75 12.45
N GLY B 350 18.45 -15.64 12.99
CA GLY B 350 17.95 -15.48 14.36
C GLY B 350 17.12 -16.69 14.70
N CYS B 351 15.87 -16.49 15.04
CA CYS B 351 14.85 -17.48 15.34
C CYS B 351 13.51 -17.04 14.79
N PHE B 352 12.86 -17.96 14.08
CA PHE B 352 11.58 -17.70 13.43
C PHE B 352 10.58 -18.76 13.88
N CYS B 353 9.33 -18.57 13.45
CA CYS B 353 8.31 -19.56 13.71
C CYS B 353 8.68 -20.87 13.03
N PRO B 354 8.24 -22.00 13.58
CA PRO B 354 8.68 -23.29 13.04
C PRO B 354 8.20 -23.54 11.62
N GLU B 355 8.91 -24.47 10.98
CA GLU B 355 8.51 -25.05 9.70
C GLU B 355 7.01 -25.27 9.58
N GLY B 356 6.36 -25.74 10.66
CA GLY B 356 4.93 -26.00 10.59
C GLY B 356 4.04 -24.76 10.52
N THR B 357 4.34 -23.77 11.35
CA THR B 357 3.49 -22.61 11.51
C THR B 357 4.09 -21.40 10.80
N MET B 358 3.51 -20.23 11.05
CA MET B 358 3.89 -18.98 10.40
C MET B 358 3.28 -17.82 11.20
N ASN B 359 3.98 -16.68 11.17
CA ASN B 359 3.57 -15.52 11.93
C ASN B 359 2.25 -14.95 11.42
N TYR B 360 1.53 -14.27 12.32
CA TYR B 360 0.20 -13.73 12.00
C TYR B 360 0.29 -12.40 11.25
N ALA B 361 0.86 -11.39 11.90
CA ALA B 361 0.91 -10.05 11.33
C ALA B 361 2.06 -9.29 11.97
N PRO B 362 2.54 -8.22 11.32
CA PRO B 362 3.56 -7.38 11.97
C PRO B 362 3.04 -6.77 13.25
N GLY B 363 3.93 -6.67 14.23
CA GLY B 363 3.55 -6.24 15.56
C GLY B 363 2.98 -7.34 16.44
N PHE B 364 2.87 -8.56 15.92
CA PHE B 364 2.38 -9.70 16.67
C PHE B 364 3.44 -10.80 16.70
N ASP B 365 3.40 -11.62 17.75
CA ASP B 365 4.42 -12.63 17.97
C ASP B 365 3.80 -14.00 17.81
N VAL B 366 2.47 -14.09 17.69
CA VAL B 366 1.84 -15.41 17.58
C VAL B 366 2.09 -16.19 16.30
N CYS B 367 2.53 -17.44 16.44
CA CYS B 367 2.75 -18.32 15.30
C CYS B 367 1.52 -19.19 15.19
N VAL B 368 0.87 -19.16 14.02
CA VAL B 368 -0.37 -19.88 13.79
C VAL B 368 -0.24 -20.69 12.50
N LYS B 369 -0.91 -21.85 12.47
CA LYS B 369 -0.91 -22.68 11.28
C LYS B 369 -1.74 -22.05 10.18
N THR B 370 -3.03 -21.89 10.42
CA THR B 370 -3.95 -21.20 9.51
C THR B 370 -4.54 -20.01 10.26
N CYS B 371 -4.17 -18.81 9.84
CA CYS B 371 -4.48 -17.60 10.59
C CYS B 371 -5.92 -17.16 10.38
N GLY B 372 -6.59 -16.86 11.49
CA GLY B 372 -7.90 -16.25 11.47
C GLY B 372 -7.86 -14.86 12.09
N CYS B 373 -8.34 -14.75 13.34
CA CYS B 373 -8.31 -13.52 14.09
C CYS B 373 -7.36 -13.65 15.27
N VAL B 374 -6.71 -12.54 15.62
CA VAL B 374 -5.88 -12.46 16.83
C VAL B 374 -6.28 -11.19 17.57
N GLY B 375 -6.75 -11.36 18.81
CA GLY B 375 -7.17 -10.24 19.63
C GLY B 375 -6.04 -9.71 20.49
N PRO B 376 -6.34 -8.68 21.30
CA PRO B 376 -5.31 -8.16 22.20
C PRO B 376 -4.80 -9.18 23.20
N ASP B 377 -5.65 -10.08 23.68
CA ASP B 377 -5.23 -11.23 24.47
C ASP B 377 -4.85 -12.37 23.53
N ASN B 378 -3.59 -12.34 23.09
CA ASN B 378 -3.13 -13.14 21.97
C ASN B 378 -3.52 -14.62 22.08
N VAL B 379 -4.44 -15.04 21.24
CA VAL B 379 -4.90 -16.43 21.11
C VAL B 379 -5.31 -16.64 19.66
N PRO B 380 -4.92 -17.74 19.02
CA PRO B 380 -5.42 -18.01 17.67
C PRO B 380 -6.93 -18.19 17.67
N ARG B 381 -7.57 -17.65 16.63
CA ARG B 381 -9.01 -17.77 16.46
C ARG B 381 -9.31 -18.21 15.04
N GLU B 382 -10.39 -18.97 14.88
CA GLU B 382 -10.83 -19.41 13.57
C GLU B 382 -11.92 -18.49 13.02
N PHE B 383 -12.05 -18.47 11.70
CA PHE B 383 -13.10 -17.71 11.05
C PHE B 383 -14.45 -18.33 11.39
N GLY B 384 -15.40 -17.51 11.82
CA GLY B 384 -16.71 -17.99 12.21
C GLY B 384 -16.77 -18.61 13.59
N GLU B 385 -15.94 -18.14 14.52
CA GLU B 385 -16.01 -18.60 15.93
C GLU B 385 -16.62 -17.50 16.78
N HIS B 386 -17.54 -17.83 17.69
CA HIS B 386 -18.17 -16.84 18.59
C HIS B 386 -17.51 -16.90 19.98
N PHE B 387 -16.82 -15.83 20.39
CA PHE B 387 -16.13 -15.77 21.70
C PHE B 387 -16.97 -15.00 22.71
N GLU B 388 -16.38 -14.55 23.82
CA GLU B 388 -17.09 -13.69 24.80
C GLU B 388 -16.07 -12.74 25.43
N PHE B 389 -15.49 -11.80 24.67
CA PHE B 389 -14.47 -10.86 25.19
C PHE B 389 -15.12 -9.80 26.09
N ASP B 390 -14.47 -9.43 27.19
CA ASP B 390 -15.02 -8.42 28.13
C ASP B 390 -16.36 -8.95 28.64
N CYS B 391 -17.43 -8.16 28.53
CA CYS B 391 -18.79 -8.67 28.86
C CYS B 391 -19.59 -8.36 27.61
N LYS B 392 -19.30 -9.10 26.54
CA LYS B 392 -19.91 -8.84 25.23
C LYS B 392 -19.85 -10.16 24.45
N ASN B 393 -20.62 -10.30 23.39
CA ASN B 393 -20.66 -11.54 22.58
C ASN B 393 -20.09 -11.20 21.18
N CYS B 394 -18.94 -11.76 20.81
CA CYS B 394 -18.24 -11.33 19.58
C CYS B 394 -18.31 -12.40 18.49
N VAL B 395 -18.08 -12.00 17.24
CA VAL B 395 -18.02 -12.96 16.11
C VAL B 395 -16.78 -12.56 15.30
N CYS B 396 -15.93 -13.52 14.93
CA CYS B 396 -14.76 -13.19 14.06
C CYS B 396 -15.13 -13.56 12.63
N LEU B 397 -15.26 -12.56 11.75
CA LEU B 397 -15.69 -12.84 10.35
C LEU B 397 -14.75 -12.12 9.38
N GLU B 398 -14.60 -12.66 8.16
CA GLU B 398 -13.64 -12.09 7.18
C GLU B 398 -14.09 -10.69 6.80
N GLY B 399 -13.14 -9.76 6.67
CA GLY B 399 -13.48 -8.38 6.26
C GLY B 399 -12.81 -7.36 7.15
N GLY B 400 -13.25 -6.10 7.09
CA GLY B 400 -12.61 -5.02 7.85
C GLY B 400 -13.04 -5.00 9.29
N SER B 401 -12.13 -4.68 10.22
CA SER B 401 -12.43 -4.55 11.67
C SER B 401 -12.36 -5.93 12.32
N GLY B 402 -12.27 -7.00 11.53
CA GLY B 402 -12.09 -8.33 12.14
C GLY B 402 -13.20 -8.61 13.13
N ILE B 403 -12.83 -8.78 14.41
CA ILE B 403 -13.80 -9.12 15.48
C ILE B 403 -14.86 -8.02 15.61
N ILE B 404 -16.14 -8.38 15.67
CA ILE B 404 -17.22 -7.38 15.94
C ILE B 404 -17.84 -7.81 17.27
N CYS B 405 -17.76 -7.00 18.31
CA CYS B 405 -18.23 -7.47 19.64
C CYS B 405 -19.54 -6.79 20.02
N GLN B 406 -20.51 -7.58 20.51
CA GLN B 406 -21.80 -7.01 20.96
C GLN B 406 -22.18 -7.48 22.39
N PRO B 407 -22.47 -6.59 23.38
CA PRO B 407 -22.86 -6.94 24.74
C PRO B 407 -23.85 -8.11 24.79
C1 NAG C . -22.77 6.44 -31.67
C2 NAG C . -21.49 6.97 -32.29
C3 NAG C . -21.63 8.46 -32.56
C4 NAG C . -22.85 8.67 -33.46
C5 NAG C . -24.08 8.07 -32.80
C6 NAG C . -25.31 8.21 -33.70
C7 NAG C . -19.27 7.34 -31.31
C8 NAG C . -18.17 6.79 -32.15
N2 NAG C . -20.42 6.69 -31.34
O3 NAG C . -20.49 8.97 -33.24
O4 NAG C . -23.04 10.05 -33.74
O5 NAG C . -23.87 6.69 -32.53
O6 NAG C . -25.05 7.51 -34.92
O7 NAG C . -19.12 8.34 -30.61
C1 NAG C . -23.08 10.15 -35.18
C2 NAG C . -23.97 11.28 -35.68
C3 NAG C . -24.12 11.14 -37.18
C4 NAG C . -22.75 11.16 -37.81
C5 NAG C . -21.91 10.03 -37.22
C6 NAG C . -20.51 10.04 -37.82
C7 NAG C . -25.53 12.06 -34.03
C8 NAG C . -26.43 11.49 -32.97
N2 NAG C . -25.27 11.25 -35.04
O3 NAG C . -24.92 12.21 -37.70
O4 NAG C . -22.86 10.99 -39.22
O5 NAG C . -21.80 10.19 -35.81
O6 NAG C . -19.86 11.26 -37.45
O7 NAG C . -25.07 13.19 -33.96
C1 BMA C . -22.31 12.07 -39.98
C2 BMA C . -21.91 11.52 -41.34
C3 BMA C . -21.36 12.62 -42.26
C4 BMA C . -22.11 13.96 -42.19
C5 BMA C . -22.64 14.29 -40.78
C6 BMA C . -23.68 15.41 -40.88
O2 BMA C . -22.79 10.44 -41.71
O3 BMA C . -21.39 12.17 -43.62
O4 BMA C . -21.22 15.00 -42.64
O5 BMA C . -23.23 13.14 -40.16
O6 BMA C . -24.22 15.69 -39.59
C1 MAN C . -20.15 12.50 -44.27
C2 MAN C . -20.41 12.56 -45.77
C3 MAN C . -20.90 11.19 -46.22
C4 MAN C . -19.84 10.16 -45.85
C5 MAN C . -19.53 10.23 -44.37
C6 MAN C . -18.23 9.50 -44.07
O2 MAN C . -19.41 13.36 -46.41
O3 MAN C . -20.76 11.08 -47.64
O4 MAN C . -20.48 8.86 -45.79
O5 MAN C . -19.14 11.55 -44.03
O6 MAN C . -17.90 9.61 -42.68
C1 MAN C . -25.51 16.33 -39.69
C2 MAN C . -25.87 16.90 -38.32
C3 MAN C . -26.04 15.79 -37.30
C4 MAN C . -27.01 14.74 -37.84
C5 MAN C . -26.58 14.30 -39.23
C6 MAN C . -27.52 13.26 -39.81
O2 MAN C . -27.07 17.65 -38.43
O3 MAN C . -26.55 16.32 -36.08
O4 MAN C . -27.02 13.60 -36.96
O5 MAN C . -26.55 15.44 -40.08
O6 MAN C . -26.87 12.64 -40.93
C1 NAG D . 38.96 3.68 -5.19
C2 NAG D . 38.61 3.69 -6.68
C3 NAG D . 39.20 2.48 -7.37
C4 NAG D . 40.69 2.47 -7.13
C5 NAG D . 40.98 2.49 -5.63
C6 NAG D . 42.48 2.54 -5.35
C7 NAG D . 36.46 3.35 -7.81
C8 NAG D . 36.17 4.41 -8.83
N2 NAG D . 37.16 3.73 -6.75
O3 NAG D . 38.96 2.53 -8.76
O4 NAG D . 41.30 1.33 -7.74
O5 NAG D . 40.37 3.63 -5.05
O6 NAG D . 43.01 3.72 -5.95
O7 NAG D . 36.06 2.20 -7.93
C1 NAG D . 42.34 1.85 -8.60
C2 NAG D . 43.52 0.92 -8.74
C3 NAG D . 44.64 1.66 -9.44
C4 NAG D . 44.12 2.17 -10.77
C5 NAG D . 42.90 3.06 -10.54
C6 NAG D . 42.36 3.55 -11.87
C7 NAG D . 43.62 -0.78 -7.03
C8 NAG D . 43.40 -0.90 -5.55
N2 NAG D . 43.98 0.43 -7.46
O3 NAG D . 45.75 0.79 -9.65
O4 NAG D . 45.15 2.91 -11.43
O5 NAG D . 41.90 2.32 -9.86
O6 NAG D . 41.88 2.43 -12.62
O7 NAG D . 43.47 -1.71 -7.79
C1 BMA D . 45.51 2.37 -12.72
C2 BMA D . 46.06 3.53 -13.55
C3 BMA D . 46.53 3.04 -14.94
C4 BMA D . 47.26 1.69 -14.95
C5 BMA D . 46.72 0.70 -13.90
C6 BMA D . 47.73 -0.42 -13.71
O2 BMA D . 46.71 4.49 -12.70
O3 BMA D . 47.40 4.02 -15.51
O4 BMA D . 47.17 1.13 -16.27
O5 BMA D . 46.47 1.34 -12.64
O6 BMA D . 47.26 -1.34 -12.71
C1 MAN D . 47.04 4.24 -16.89
C2 MAN D . 48.28 4.79 -17.60
C3 MAN D . 48.66 6.11 -16.94
C4 MAN D . 47.48 7.06 -17.02
C5 MAN D . 46.24 6.40 -16.41
C6 MAN D . 44.99 7.15 -16.84
O2 MAN D . 48.18 4.55 -19.01
O3 MAN D . 49.52 6.84 -17.82
O4 MAN D . 47.61 8.05 -15.99
O5 MAN D . 45.99 5.16 -17.04
O6 MAN D . 43.82 6.52 -16.31
C1 MAN D . 48.36 -2.08 -12.15
C2 MAN D . 47.80 -3.24 -11.33
C3 MAN D . 47.00 -2.72 -10.14
C4 MAN D . 47.81 -1.71 -9.35
C5 MAN D . 48.36 -0.65 -10.29
C6 MAN D . 49.17 0.41 -9.57
O2 MAN D . 48.87 -4.07 -10.88
O3 MAN D . 46.66 -3.83 -9.28
O4 MAN D . 46.99 -1.09 -8.36
O5 MAN D . 49.18 -1.29 -11.27
O6 MAN D . 49.01 1.65 -10.26
CA CA E . -27.52 -2.20 -28.45
C1 NAG F . -18.31 -9.17 -34.42
C2 NAG F . -19.33 -10.14 -35.02
C3 NAG F . -19.84 -9.61 -36.35
C4 NAG F . -20.36 -8.19 -36.21
C5 NAG F . -19.28 -7.30 -35.57
C6 NAG F . -19.77 -5.90 -35.29
C7 NAG F . -19.20 -12.53 -34.49
C8 NAG F . -18.50 -13.82 -34.78
N2 NAG F . -18.76 -11.46 -35.17
O3 NAG F . -20.89 -10.46 -36.83
O4 NAG F . -20.70 -7.65 -37.48
O5 NAG F . -18.89 -7.86 -34.31
O6 NAG F . -18.68 -5.03 -35.00
O7 NAG F . -20.12 -12.45 -33.69
C1 NAG G . -33.75 24.79 3.10
C2 NAG G . -32.68 24.92 4.20
C3 NAG G . -32.97 26.14 5.08
C4 NAG G . -33.12 27.39 4.22
C5 NAG G . -34.17 27.16 3.13
C6 NAG G . -34.29 28.32 2.16
C7 NAG G . -31.47 23.07 5.27
C8 NAG G . -30.23 23.67 4.69
N2 NAG G . -32.61 23.71 5.01
O3 NAG G . -31.91 26.31 6.00
O4 NAG G . -33.52 28.49 5.03
O5 NAG G . -33.82 26.01 2.35
O6 NAG G . -35.16 28.01 1.08
O7 NAG G . -31.44 22.06 5.96
C1 NAG H . -6.00 16.68 -7.35
C2 NAG H . -6.67 17.85 -8.09
C3 NAG H . -5.78 18.35 -9.23
C4 NAG H . -4.36 18.59 -8.75
C5 NAG H . -3.86 17.36 -8.02
C6 NAG H . -2.43 17.53 -7.53
C7 NAG H . -9.11 17.62 -7.96
C8 NAG H . -10.34 17.01 -8.58
N2 NAG H . -7.97 17.45 -8.62
O3 NAG H . -6.36 19.53 -9.78
O4 NAG H . -3.45 18.75 -9.85
O5 NAG H . -4.71 17.07 -6.92
O6 NAG H . -2.43 18.56 -6.55
O7 NAG H . -9.18 18.24 -6.91
CA CA I . 38.34 9.05 3.64
C1 NAG J . 34.70 19.46 -3.26
C2 NAG J . 35.63 20.38 -2.47
C3 NAG J . 37.02 20.41 -3.12
C4 NAG J . 37.55 18.99 -3.28
C5 NAG J . 36.53 18.13 -4.03
C6 NAG J . 36.96 16.68 -4.14
C7 NAG J . 34.71 22.29 -1.24
C8 NAG J . 34.17 23.69 -1.35
N2 NAG J . 35.08 21.73 -2.40
O3 NAG J . 37.91 21.17 -2.31
O4 NAG J . 38.78 19.01 -4.01
O5 NAG J . 35.28 18.15 -3.34
O6 NAG J . 36.17 15.98 -5.09
O7 NAG J . 34.80 21.71 -0.17
C1 NAG K . 26.16 -29.56 14.76
C2 NAG K . 24.69 -29.95 14.59
C3 NAG K . 24.52 -31.47 14.78
C4 NAG K . 25.47 -32.22 13.86
C5 NAG K . 26.90 -31.74 14.06
C6 NAG K . 27.87 -32.37 13.08
C7 NAG K . 22.74 -28.57 15.16
C8 NAG K . 22.40 -28.62 13.70
N2 NAG K . 23.85 -29.23 15.52
O3 NAG K . 23.18 -31.83 14.49
O4 NAG K . 25.39 -33.62 14.13
O5 NAG K . 26.97 -30.32 13.85
O6 NAG K . 29.16 -31.78 13.19
O7 NAG K . 22.04 -27.97 15.97
C1 NAG L . 12.51 -12.87 -7.15
C2 NAG L . 13.72 -13.69 -7.61
C3 NAG L . 13.98 -13.48 -9.10
C4 NAG L . 12.71 -13.65 -9.93
C5 NAG L . 11.61 -12.79 -9.32
C6 NAG L . 10.32 -12.89 -10.11
C7 NAG L . 15.28 -14.00 -5.74
C8 NAG L . 16.43 -13.40 -4.98
N2 NAG L . 14.90 -13.34 -6.85
O3 NAG L . 15.00 -14.40 -9.52
O4 NAG L . 12.86 -13.16 -11.26
O5 NAG L . 11.39 -13.18 -7.97
O6 NAG L . 9.83 -14.22 -9.98
O7 NAG L . 14.72 -15.02 -5.35
#